data_6R4S
#
_entry.id   6R4S
#
_cell.length_a   110.130
_cell.length_b   117.270
_cell.length_c   151.230
_cell.angle_alpha   90.000
_cell.angle_beta   90.000
_cell.angle_gamma   90.000
#
_symmetry.space_group_name_H-M   'C 2 2 21'
#
loop_
_entity.id
_entity.type
_entity.pdbx_description
1 polymer 'DNA primase small subunit'
2 non-polymer 'ZINC ION'
3 non-polymer 'MANGANESE (II) ION'
4 non-polymer "ADENOSINE-5'-TRIPHOSPHATE"
5 water water
#
_entity_poly.entity_id   1
_entity_poly.type   'polypeptide(L)'
_entity_poly.pdbx_seq_one_letter_code
;GTSMETFDPTELPELLKLYYRRLFPYSQYYRWLNYGGVIKNYFQHREFSFTLKDDIYIRYQSFNNQSDLEKEMQKMNPYK
IDIGAVYSHRPNQHNTVKLGAFQAQEKELVFDIDMTDYDDVRRCCSSADICPKCWTLMTMAIRIIDRALKEDFGFKHRLW
VYSGRRGVHCWVCDESVRKLSSAVRSGIVEYLSLVKGGQDVKKKVHLSEKIHPFIRKSINIIKKYFEEYALVNQDILENK
ESWDKILALVPETIHDELQQSFQKSHNSLQRWEHLKKVASRYQNNIKNDKYGPWLEWEIMLQYCFPRLDINVSKGINHLL
KSPFSVHPKTGRISVPIDLQKVDQFDPFTVPTISFICRELDAISTNEEEKEENEAESDVKHRTRDYKKTSLAPYVKVFEH
FLENLDKSRK
;
_entity_poly.pdbx_strand_id   A,E
#
# COMPACT_ATOMS: atom_id res chain seq x y z
N THR A 6 -1.66 8.50 -0.05
CA THR A 6 -1.91 9.67 -0.89
C THR A 6 -1.92 9.29 -2.36
N PHE A 7 -2.51 10.14 -3.20
CA PHE A 7 -2.74 9.83 -4.60
C PHE A 7 -2.50 11.07 -5.44
N ASP A 8 -2.35 10.85 -6.76
CA ASP A 8 -2.18 11.93 -7.73
C ASP A 8 -3.52 12.17 -8.41
N PRO A 9 -4.21 13.27 -8.15
CA PRO A 9 -5.65 13.36 -8.43
C PRO A 9 -6.05 13.77 -9.85
N THR A 10 -5.14 13.77 -10.83
CA THR A 10 -5.55 14.11 -12.19
C THR A 10 -6.19 12.94 -12.91
N GLU A 11 -5.83 11.70 -12.54
CA GLU A 11 -6.42 10.52 -13.16
C GLU A 11 -7.87 10.31 -12.76
N LEU A 12 -8.32 10.95 -11.69
CA LEU A 12 -9.61 10.57 -11.10
C LEU A 12 -10.77 10.68 -12.09
N PRO A 13 -10.95 11.76 -12.84
CA PRO A 13 -12.15 11.84 -13.70
C PRO A 13 -12.30 10.68 -14.67
N GLU A 14 -11.26 10.35 -15.44
CA GLU A 14 -11.38 9.25 -16.38
C GLU A 14 -11.64 7.93 -15.65
N LEU A 15 -11.11 7.79 -14.43
CA LEU A 15 -11.35 6.58 -13.65
C LEU A 15 -12.78 6.55 -13.12
N LEU A 16 -13.31 7.71 -12.70
CA LEU A 16 -14.65 7.81 -12.15
C LEU A 16 -15.70 7.55 -13.21
N LYS A 17 -15.46 8.03 -14.44
CA LYS A 17 -16.41 7.78 -15.52
C LYS A 17 -16.65 6.29 -15.68
N LEU A 18 -15.57 5.52 -15.81
CA LEU A 18 -15.69 4.08 -15.96
C LEU A 18 -16.25 3.42 -14.70
N TYR A 19 -15.87 3.93 -13.53
CA TYR A 19 -16.30 3.31 -12.29
C TYR A 19 -17.80 3.43 -12.10
N TYR A 20 -18.36 4.60 -12.37
CA TYR A 20 -19.80 4.80 -12.31
C TYR A 20 -20.52 4.18 -13.51
N ARG A 21 -19.79 3.82 -14.55
CA ARG A 21 -20.45 3.21 -15.72
C ARG A 21 -20.58 1.71 -15.63
N ARG A 22 -19.59 1.01 -15.07
CA ARG A 22 -19.60 -0.45 -15.10
C ARG A 22 -19.30 -1.14 -13.78
N LEU A 23 -19.03 -0.39 -12.71
CA LEU A 23 -18.51 -0.98 -11.50
C LEU A 23 -19.34 -0.68 -10.25
N PHE A 24 -19.88 0.52 -10.14
CA PHE A 24 -20.65 0.88 -8.96
C PHE A 24 -21.87 -0.04 -8.86
N PRO A 25 -22.09 -0.71 -7.71
CA PRO A 25 -23.23 -1.64 -7.58
C PRO A 25 -24.57 -0.91 -7.38
N TYR A 26 -25.13 -0.42 -8.50
CA TYR A 26 -26.32 0.40 -8.40
C TYR A 26 -27.52 -0.39 -7.86
N SER A 27 -27.71 -1.62 -8.33
CA SER A 27 -28.88 -2.40 -7.93
C SER A 27 -28.89 -2.63 -6.42
N GLN A 28 -27.75 -3.06 -5.87
CA GLN A 28 -27.66 -3.28 -4.43
C GLN A 28 -27.82 -1.98 -3.66
N TYR A 29 -27.25 -0.89 -4.19
CA TYR A 29 -27.38 0.42 -3.58
C TYR A 29 -28.84 0.83 -3.45
N TYR A 30 -29.59 0.65 -4.54
CA TYR A 30 -31.00 1.02 -4.53
C TYR A 30 -31.79 0.11 -3.61
N ARG A 31 -31.49 -1.19 -3.63
CA ARG A 31 -32.14 -2.08 -2.66
C ARG A 31 -31.99 -1.50 -1.25
N TRP A 32 -30.75 -1.15 -0.90
CA TRP A 32 -30.46 -0.62 0.42
C TRP A 32 -31.33 0.58 0.72
N LEU A 33 -31.10 1.69 0.01
CA LEU A 33 -31.73 2.95 0.40
C LEU A 33 -33.21 3.01 0.03
N ASN A 34 -33.73 2.05 -0.73
CA ASN A 34 -35.17 1.94 -0.93
C ASN A 34 -35.84 1.19 0.21
N TYR A 35 -35.10 0.32 0.90
CA TYR A 35 -35.62 -0.33 2.11
C TYR A 35 -36.92 -1.08 1.82
N GLY A 36 -36.99 -1.73 0.66
CA GLY A 36 -38.13 -2.53 0.30
C GLY A 36 -39.27 -1.78 -0.36
N GLY A 37 -39.24 -0.45 -0.35
CA GLY A 37 -40.33 0.31 -0.91
C GLY A 37 -41.62 0.23 -0.13
N VAL A 38 -41.55 -0.06 1.18
CA VAL A 38 -42.75 -0.17 1.99
C VAL A 38 -43.21 1.19 2.51
N ILE A 39 -42.32 2.16 2.62
CA ILE A 39 -42.67 3.54 2.96
C ILE A 39 -42.64 4.37 1.70
N LYS A 40 -43.64 5.23 1.54
CA LYS A 40 -43.75 6.06 0.35
C LYS A 40 -42.77 7.23 0.41
N ASN A 41 -42.18 7.54 -0.74
CA ASN A 41 -41.25 8.65 -0.90
C ASN A 41 -39.96 8.47 -0.09
N TYR A 42 -39.67 7.25 0.37
CA TYR A 42 -38.52 7.07 1.26
C TYR A 42 -37.20 7.26 0.52
N PHE A 43 -37.07 6.68 -0.68
CA PHE A 43 -35.88 6.94 -1.48
C PHE A 43 -35.92 8.34 -2.08
N GLN A 44 -37.11 8.80 -2.45
CA GLN A 44 -37.26 10.09 -3.12
C GLN A 44 -37.02 11.26 -2.18
N HIS A 45 -37.13 11.04 -0.87
CA HIS A 45 -36.91 12.09 0.12
C HIS A 45 -35.53 12.01 0.77
N ARG A 46 -34.61 11.25 0.20
CA ARG A 46 -33.26 11.09 0.73
C ARG A 46 -32.33 12.15 0.18
N GLU A 47 -31.52 12.75 1.06
CA GLU A 47 -30.54 13.72 0.64
C GLU A 47 -29.26 13.03 0.19
N PHE A 48 -28.77 13.40 -0.99
CA PHE A 48 -27.44 13.05 -1.44
C PHE A 48 -26.62 14.33 -1.58
N SER A 49 -25.32 14.21 -1.30
CA SER A 49 -24.41 15.33 -1.48
C SER A 49 -23.25 14.87 -2.34
N PHE A 50 -23.12 15.47 -3.52
CA PHE A 50 -22.04 15.16 -4.44
C PHE A 50 -20.92 16.18 -4.26
N THR A 51 -19.70 15.69 -4.08
CA THR A 51 -18.50 16.51 -4.12
C THR A 51 -17.82 16.31 -5.47
N LEU A 52 -17.59 17.42 -6.17
CA LEU A 52 -17.03 17.45 -7.50
C LEU A 52 -15.55 17.79 -7.43
N LYS A 53 -14.95 18.10 -8.58
CA LYS A 53 -13.55 18.52 -8.61
C LYS A 53 -13.40 19.86 -7.91
N ASP A 54 -12.20 20.09 -7.35
CA ASP A 54 -11.85 21.32 -6.65
C ASP A 54 -12.61 21.48 -5.33
N ASP A 55 -13.07 20.37 -4.74
CA ASP A 55 -13.79 20.39 -3.47
C ASP A 55 -15.07 21.23 -3.53
N ILE A 56 -15.60 21.46 -4.73
CA ILE A 56 -16.94 22.00 -4.89
C ILE A 56 -17.94 20.88 -4.67
N TYR A 57 -18.91 21.11 -3.78
CA TYR A 57 -19.91 20.09 -3.47
C TYR A 57 -21.30 20.72 -3.49
N ILE A 58 -22.28 19.88 -3.79
CA ILE A 58 -23.68 20.27 -3.88
C ILE A 58 -24.48 19.43 -2.90
N ARG A 59 -25.50 20.04 -2.30
CA ARG A 59 -26.31 19.37 -1.30
C ARG A 59 -27.75 19.26 -1.77
N TYR A 60 -28.52 18.48 -1.01
CA TYR A 60 -29.96 18.33 -1.25
C TYR A 60 -30.23 17.82 -2.66
N GLN A 61 -29.46 16.81 -3.07
CA GLN A 61 -29.69 16.11 -4.33
C GLN A 61 -30.49 14.85 -4.03
N SER A 62 -31.67 14.73 -4.64
CA SER A 62 -32.53 13.57 -4.50
C SER A 62 -32.90 13.08 -5.89
N PHE A 63 -33.46 11.87 -5.94
CA PHE A 63 -33.73 11.21 -7.21
C PHE A 63 -35.00 10.39 -7.10
N ASN A 64 -35.62 10.14 -8.25
CA ASN A 64 -36.90 9.44 -8.27
C ASN A 64 -36.73 7.92 -8.14
N ASN A 65 -35.83 7.34 -8.94
CA ASN A 65 -35.66 5.89 -8.95
C ASN A 65 -34.19 5.56 -9.18
N GLN A 66 -33.92 4.26 -9.30
CA GLN A 66 -32.55 3.79 -9.54
C GLN A 66 -31.99 4.37 -10.82
N SER A 67 -32.75 4.33 -11.91
CA SER A 67 -32.27 4.84 -13.18
C SER A 67 -31.91 6.32 -13.08
N ASP A 68 -32.73 7.11 -12.39
CA ASP A 68 -32.43 8.53 -12.21
C ASP A 68 -31.08 8.71 -11.51
N LEU A 69 -30.81 7.88 -10.50
CA LEU A 69 -29.55 7.93 -9.79
C LEU A 69 -28.38 7.59 -10.70
N GLU A 70 -28.50 6.48 -11.44
CA GLU A 70 -27.47 6.10 -12.40
C GLU A 70 -27.15 7.27 -13.33
N LYS A 71 -28.20 7.91 -13.85
CA LYS A 71 -28.02 8.96 -14.85
C LYS A 71 -27.24 10.13 -14.26
N GLU A 72 -27.72 10.69 -13.14
CA GLU A 72 -27.06 11.90 -12.65
C GLU A 72 -25.66 11.60 -12.10
N MET A 73 -25.44 10.41 -11.55
CA MET A 73 -24.09 10.07 -11.11
C MET A 73 -23.14 9.92 -12.30
N GLN A 74 -23.58 9.25 -13.36
CA GLN A 74 -22.78 9.12 -14.56
C GLN A 74 -22.61 10.45 -15.29
N LYS A 75 -23.47 11.42 -15.01
CA LYS A 75 -23.37 12.73 -15.64
C LYS A 75 -22.44 13.67 -14.90
N MET A 76 -22.37 13.58 -13.57
CA MET A 76 -21.46 14.41 -12.80
C MET A 76 -20.16 13.70 -12.47
N ASN A 77 -20.15 12.36 -12.43
CA ASN A 77 -18.99 11.60 -12.03
C ASN A 77 -18.45 12.22 -10.74
N PRO A 78 -19.20 12.14 -9.65
CA PRO A 78 -18.80 12.85 -8.43
C PRO A 78 -17.55 12.23 -7.81
N TYR A 79 -16.64 13.11 -7.36
CA TYR A 79 -15.49 12.64 -6.60
C TYR A 79 -15.94 11.90 -5.35
N LYS A 80 -16.91 12.46 -4.63
CA LYS A 80 -17.30 11.89 -3.34
C LYS A 80 -18.82 11.95 -3.22
N ILE A 81 -19.39 10.92 -2.61
CA ILE A 81 -20.84 10.81 -2.45
C ILE A 81 -21.13 10.66 -0.96
N ASP A 82 -22.03 11.49 -0.45
CA ASP A 82 -22.42 11.47 0.94
C ASP A 82 -23.92 11.23 1.03
N ILE A 83 -24.31 10.36 1.94
CA ILE A 83 -25.70 10.07 2.24
C ILE A 83 -26.15 11.00 3.36
N GLY A 84 -27.34 11.58 3.20
CA GLY A 84 -27.92 12.42 4.23
C GLY A 84 -29.13 11.75 4.86
N ALA A 85 -30.08 12.57 5.32
CA ALA A 85 -31.28 12.08 5.98
C ALA A 85 -32.44 12.00 5.01
N VAL A 86 -33.46 11.27 5.41
CA VAL A 86 -34.75 11.27 4.71
C VAL A 86 -35.56 12.43 5.26
N TYR A 87 -36.02 13.30 4.37
CA TYR A 87 -36.64 14.56 4.75
C TYR A 87 -38.16 14.48 4.56
N SER A 88 -38.83 15.52 5.04
CA SER A 88 -40.29 15.61 4.92
C SER A 88 -40.71 15.72 3.46
N HIS A 89 -39.94 16.44 2.65
CA HIS A 89 -40.22 16.62 1.24
C HIS A 89 -39.00 16.26 0.42
N ARG A 90 -39.15 16.31 -0.90
CA ARG A 90 -38.07 16.00 -1.82
C ARG A 90 -36.93 16.97 -1.57
N PRO A 91 -35.73 16.49 -1.20
CA PRO A 91 -34.62 17.43 -0.96
C PRO A 91 -34.36 18.39 -2.11
N ASN A 92 -34.39 17.91 -3.35
CA ASN A 92 -34.12 18.80 -4.48
C ASN A 92 -35.25 19.80 -4.78
N GLN A 93 -36.24 19.94 -3.88
CA GLN A 93 -37.29 20.94 -4.02
C GLN A 93 -37.45 21.80 -2.76
N HIS A 94 -36.40 21.89 -1.93
CA HIS A 94 -36.55 22.52 -0.62
C HIS A 94 -36.79 24.02 -0.69
N ASN A 95 -36.65 24.63 -1.87
CA ASN A 95 -36.95 26.05 -2.00
C ASN A 95 -38.43 26.32 -2.26
N THR A 96 -39.15 25.37 -2.86
CA THR A 96 -40.58 25.53 -3.09
C THR A 96 -41.41 25.27 -1.83
N VAL A 97 -40.79 24.79 -0.77
CA VAL A 97 -41.51 24.43 0.45
C VAL A 97 -41.56 25.61 1.40
N LYS A 98 -42.62 25.66 2.20
CA LYS A 98 -42.72 26.68 3.23
C LYS A 98 -41.54 26.61 4.19
N LEU A 99 -41.05 27.77 4.60
CA LEU A 99 -40.01 27.83 5.63
C LEU A 99 -40.53 27.20 6.92
N GLY A 100 -39.75 26.27 7.47
CA GLY A 100 -40.10 25.59 8.70
C GLY A 100 -40.80 24.26 8.51
N ALA A 101 -41.17 23.89 7.29
CA ALA A 101 -41.84 22.63 7.02
C ALA A 101 -40.91 21.58 6.42
N PHE A 102 -39.73 21.97 5.96
CA PHE A 102 -38.73 21.04 5.44
C PHE A 102 -37.79 20.66 6.58
N GLN A 103 -37.99 19.48 7.14
CA GLN A 103 -37.28 19.03 8.32
C GLN A 103 -36.82 17.60 8.11
N ALA A 104 -35.62 17.29 8.60
CA ALA A 104 -35.14 15.91 8.56
C ALA A 104 -36.04 15.04 9.45
N GLN A 105 -36.38 13.85 8.93
CA GLN A 105 -37.29 12.97 9.64
C GLN A 105 -36.65 11.65 10.04
N GLU A 106 -35.91 11.00 9.13
CA GLU A 106 -35.33 9.71 9.43
C GLU A 106 -33.93 9.61 8.83
N LYS A 107 -33.03 8.96 9.55
CA LYS A 107 -31.71 8.63 9.02
C LYS A 107 -31.14 7.51 9.87
N GLU A 108 -30.29 6.70 9.25
CA GLU A 108 -29.65 5.62 9.98
C GLU A 108 -28.79 6.18 11.11
N LEU A 109 -28.56 5.37 12.13
CA LEU A 109 -27.64 5.76 13.20
C LEU A 109 -26.23 5.43 12.74
N VAL A 110 -25.37 6.44 12.65
CA VAL A 110 -24.05 6.26 12.04
C VAL A 110 -22.96 6.50 13.07
N PHE A 111 -21.81 5.90 12.82
CA PHE A 111 -20.62 6.09 13.64
C PHE A 111 -19.41 6.29 12.73
N ASP A 112 -18.59 7.29 13.03
CA ASP A 112 -17.37 7.59 12.30
C ASP A 112 -16.20 7.46 13.26
N ILE A 113 -15.25 6.57 12.95
CA ILE A 113 -14.07 6.37 13.77
C ILE A 113 -12.86 6.74 12.94
N ASP A 114 -12.10 7.73 13.43
CA ASP A 114 -10.88 8.21 12.80
C ASP A 114 -9.69 7.82 13.67
N MET A 115 -8.66 7.27 13.03
CA MET A 115 -7.45 6.90 13.76
C MET A 115 -6.73 8.13 14.33
N THR A 116 -6.97 9.31 13.76
CA THR A 116 -6.31 10.52 14.23
C THR A 116 -6.57 10.78 15.71
N ASP A 117 -7.75 10.39 16.18
CA ASP A 117 -8.09 10.61 17.58
C ASP A 117 -7.28 9.73 18.53
N TYR A 118 -6.41 8.86 18.01
CA TYR A 118 -5.56 8.01 18.83
C TYR A 118 -4.10 8.45 18.83
N ASP A 119 -3.78 9.63 18.28
CA ASP A 119 -2.39 10.05 18.21
C ASP A 119 -1.73 10.08 19.59
N ASP A 120 -2.49 10.36 20.64
CA ASP A 120 -1.92 10.44 21.98
C ASP A 120 -1.46 9.08 22.50
N VAL A 121 -1.97 7.98 21.95
CA VAL A 121 -1.66 6.64 22.39
C VAL A 121 -1.05 5.79 21.29
N ARG A 122 -0.75 6.39 20.14
CA ARG A 122 -0.05 5.71 19.06
C ARG A 122 1.38 6.22 18.95
N ARG A 123 2.32 5.30 18.69
CA ARG A 123 3.71 5.68 18.52
C ARG A 123 4.26 5.43 17.12
N CYS A 124 3.60 4.59 16.32
CA CYS A 124 4.13 4.27 14.98
C CYS A 124 3.77 5.35 13.97
N CYS A 125 2.52 5.80 13.97
CA CYS A 125 1.99 6.72 12.98
C CYS A 125 1.48 7.97 13.68
N SER A 126 1.04 8.93 12.86
CA SER A 126 0.38 10.13 13.38
C SER A 126 -0.48 10.71 12.26
N SER A 127 -1.43 11.55 12.66
CA SER A 127 -2.31 12.26 11.73
C SER A 127 -3.06 11.20 10.93
N ALA A 128 -3.17 11.33 9.59
CA ALA A 128 -3.95 10.41 8.79
C ALA A 128 -3.22 9.11 8.44
N ASP A 129 -1.99 8.91 8.92
CA ASP A 129 -1.28 7.69 8.61
C ASP A 129 -1.85 6.51 9.37
N ILE A 130 -1.75 5.32 8.77
CA ILE A 130 -2.12 4.07 9.43
C ILE A 130 -1.17 2.97 8.99
N CYS A 131 -1.00 1.98 9.85
CA CYS A 131 -0.14 0.85 9.55
C CYS A 131 -0.73 -0.39 10.20
N PRO A 132 -0.28 -1.58 9.80
CA PRO A 132 -0.81 -2.81 10.41
C PRO A 132 -0.65 -2.85 11.93
N LYS A 133 0.34 -2.15 12.49
CA LYS A 133 0.57 -2.23 13.92
C LYS A 133 -0.53 -1.49 14.69
N CYS A 134 -0.94 -0.32 14.21
CA CYS A 134 -1.98 0.45 14.87
C CYS A 134 -3.39 0.11 14.42
N TRP A 135 -3.54 -0.63 13.31
CA TRP A 135 -4.88 -0.91 12.82
C TRP A 135 -5.68 -1.77 13.79
N THR A 136 -5.01 -2.52 14.68
CA THR A 136 -5.74 -3.35 15.62
C THR A 136 -6.74 -2.55 16.43
N LEU A 137 -6.46 -1.26 16.67
CA LEU A 137 -7.42 -0.43 17.38
C LEU A 137 -8.79 -0.50 16.71
N MET A 138 -8.83 -0.25 15.40
CA MET A 138 -10.10 -0.32 14.68
C MET A 138 -10.72 -1.70 14.85
N THR A 139 -9.91 -2.75 14.74
CA THR A 139 -10.43 -4.09 14.97
C THR A 139 -11.16 -4.13 16.30
N MET A 140 -10.45 -3.76 17.38
CA MET A 140 -11.08 -3.78 18.70
C MET A 140 -12.26 -2.83 18.74
N ALA A 141 -12.13 -1.66 18.09
CA ALA A 141 -13.25 -0.74 18.03
C ALA A 141 -14.48 -1.45 17.48
N ILE A 142 -14.32 -2.11 16.33
CA ILE A 142 -15.44 -2.80 15.72
C ILE A 142 -15.96 -3.86 16.66
N ARG A 143 -15.05 -4.56 17.34
CA ARG A 143 -15.47 -5.61 18.25
C ARG A 143 -16.29 -5.03 19.39
N ILE A 144 -15.77 -3.98 20.04
CA ILE A 144 -16.45 -3.43 21.21
C ILE A 144 -17.81 -2.88 20.82
N ILE A 145 -17.81 -1.87 19.94
CA ILE A 145 -19.04 -1.19 19.59
C ILE A 145 -20.05 -2.18 19.02
N ASP A 146 -19.64 -2.96 18.02
CA ASP A 146 -20.60 -3.87 17.40
C ASP A 146 -21.25 -4.75 18.45
N ARG A 147 -20.45 -5.26 19.39
CA ARG A 147 -21.03 -6.14 20.41
C ARG A 147 -22.10 -5.39 21.19
N ALA A 148 -21.76 -4.19 21.68
CA ALA A 148 -22.75 -3.40 22.41
C ALA A 148 -23.96 -3.10 21.54
N LEU A 149 -23.72 -2.79 20.26
CA LEU A 149 -24.86 -2.51 19.37
C LEU A 149 -25.73 -3.74 19.22
N LYS A 150 -25.12 -4.92 19.17
CA LYS A 150 -25.87 -6.14 18.92
C LYS A 150 -26.58 -6.63 20.17
N GLU A 151 -25.88 -6.65 21.30
CA GLU A 151 -26.38 -7.27 22.52
C GLU A 151 -26.98 -6.28 23.51
N ASP A 152 -26.33 -5.14 23.75
CA ASP A 152 -26.85 -4.20 24.74
C ASP A 152 -27.99 -3.36 24.20
N PHE A 153 -28.14 -3.24 22.88
CA PHE A 153 -29.21 -2.47 22.28
C PHE A 153 -30.13 -3.28 21.39
N GLY A 154 -29.69 -4.42 20.87
CA GLY A 154 -30.54 -5.27 20.07
C GLY A 154 -30.67 -4.87 18.63
N PHE A 155 -29.64 -4.21 18.08
CA PHE A 155 -29.66 -3.79 16.68
C PHE A 155 -29.16 -4.95 15.82
N LYS A 156 -29.97 -5.34 14.83
CA LYS A 156 -29.68 -6.53 14.04
C LYS A 156 -28.98 -6.23 12.73
N HIS A 157 -29.15 -5.03 12.19
CA HIS A 157 -28.66 -4.68 10.87
C HIS A 157 -27.59 -3.61 11.01
N ARG A 158 -26.34 -4.05 11.04
CA ARG A 158 -25.19 -3.17 11.20
C ARG A 158 -24.25 -3.39 10.02
N LEU A 159 -23.90 -2.31 9.33
CA LEU A 159 -23.02 -2.35 8.18
C LEU A 159 -21.74 -1.62 8.53
N TRP A 160 -20.62 -2.33 8.50
CA TRP A 160 -19.31 -1.74 8.78
C TRP A 160 -18.57 -1.51 7.48
N VAL A 161 -17.98 -0.32 7.34
CA VAL A 161 -17.41 0.15 6.08
C VAL A 161 -16.06 0.78 6.34
N TYR A 162 -15.06 0.41 5.56
CA TYR A 162 -13.78 1.11 5.62
C TYR A 162 -13.94 2.52 5.07
N SER A 163 -13.59 3.52 5.88
CA SER A 163 -13.78 4.91 5.47
C SER A 163 -12.87 5.30 4.31
N GLY A 164 -11.92 4.45 3.93
CA GLY A 164 -11.05 4.72 2.82
C GLY A 164 -9.67 5.24 3.17
N ARG A 165 -9.45 5.65 4.41
CA ARG A 165 -8.15 6.19 4.78
C ARG A 165 -7.77 5.84 6.21
N ARG A 166 -8.43 6.46 7.19
CA ARG A 166 -7.94 6.47 8.57
C ARG A 166 -8.94 5.88 9.56
N GLY A 167 -9.89 5.08 9.11
CA GLY A 167 -10.82 4.49 10.06
C GLY A 167 -11.99 3.83 9.38
N VAL A 168 -13.08 3.69 10.13
CA VAL A 168 -14.24 2.94 9.67
C VAL A 168 -15.54 3.68 10.01
N HIS A 169 -16.61 3.22 9.41
CA HIS A 169 -17.96 3.72 9.62
C HIS A 169 -18.87 2.57 9.95
N CYS A 170 -19.96 2.89 10.64
CA CYS A 170 -21.01 1.93 10.92
C CYS A 170 -22.36 2.57 10.64
N TRP A 171 -23.13 1.94 9.74
CA TRP A 171 -24.50 2.30 9.44
C TRP A 171 -25.41 1.33 10.18
N VAL A 172 -26.30 1.85 11.01
CA VAL A 172 -27.30 1.07 11.72
C VAL A 172 -28.66 1.40 11.10
N CYS A 173 -29.34 0.35 10.60
CA CYS A 173 -30.47 0.52 9.69
C CYS A 173 -31.75 -0.15 10.15
N ASP A 174 -31.86 -0.53 11.42
CA ASP A 174 -33.13 -1.02 11.95
C ASP A 174 -34.19 0.07 11.78
N GLU A 175 -35.41 -0.34 11.40
CA GLU A 175 -36.42 0.65 11.05
C GLU A 175 -36.65 1.64 12.18
N SER A 176 -36.76 1.14 13.43
CA SER A 176 -37.00 2.04 14.55
C SER A 176 -35.77 2.86 14.88
N VAL A 177 -34.58 2.36 14.56
CA VAL A 177 -33.37 3.15 14.79
C VAL A 177 -33.30 4.32 13.83
N ARG A 178 -33.76 4.11 12.59
CA ARG A 178 -33.78 5.20 11.63
C ARG A 178 -34.70 6.34 12.06
N LYS A 179 -35.65 6.08 12.96
CA LYS A 179 -36.60 7.08 13.41
C LYS A 179 -36.13 7.84 14.64
N LEU A 180 -35.04 7.41 15.28
CA LEU A 180 -34.65 8.01 16.55
C LEU A 180 -34.30 9.47 16.40
N SER A 181 -34.71 10.26 17.38
CA SER A 181 -34.37 11.68 17.41
C SER A 181 -32.90 11.86 17.76
N SER A 182 -32.43 13.11 17.65
CA SER A 182 -31.07 13.43 18.06
C SER A 182 -30.83 13.16 19.53
N ALA A 183 -31.87 13.31 20.36
CA ALA A 183 -31.72 13.14 21.80
C ALA A 183 -31.30 11.70 22.13
N VAL A 184 -32.02 10.72 21.58
CA VAL A 184 -31.70 9.33 21.85
C VAL A 184 -30.31 9.00 21.34
N ARG A 185 -29.95 9.53 20.16
CA ARG A 185 -28.63 9.26 19.61
C ARG A 185 -27.54 9.78 20.53
N SER A 186 -27.73 10.96 21.11
CA SER A 186 -26.80 11.46 22.12
C SER A 186 -26.68 10.47 23.28
N GLY A 187 -27.83 9.99 23.77
CA GLY A 187 -27.79 9.03 24.87
C GLY A 187 -27.03 7.77 24.53
N ILE A 188 -27.20 7.29 23.29
CA ILE A 188 -26.49 6.09 22.86
C ILE A 188 -24.99 6.35 22.85
N VAL A 189 -24.57 7.51 22.35
CA VAL A 189 -23.14 7.81 22.31
C VAL A 189 -22.57 7.90 23.72
N GLU A 190 -23.34 8.44 24.66
CA GLU A 190 -22.89 8.49 26.05
C GLU A 190 -22.73 7.09 26.63
N TYR A 191 -23.68 6.19 26.34
CA TYR A 191 -23.55 4.82 26.81
C TYR A 191 -22.26 4.17 26.31
N LEU A 192 -21.80 4.55 25.13
CA LEU A 192 -20.68 3.89 24.46
C LEU A 192 -19.34 4.57 24.66
N SER A 193 -19.27 5.63 25.47
CA SER A 193 -18.07 6.45 25.58
C SER A 193 -17.44 6.33 26.97
N LEU A 194 -16.14 6.09 27.00
CA LEU A 194 -15.36 6.09 28.23
C LEU A 194 -14.21 7.07 28.22
N VAL A 195 -13.64 7.37 27.05
CA VAL A 195 -12.46 8.22 26.94
C VAL A 195 -12.97 9.67 26.81
N LYS A 196 -12.89 10.41 27.91
CA LYS A 196 -13.38 11.77 27.97
C LYS A 196 -12.21 12.73 28.14
N GLY A 197 -12.39 13.95 27.64
CA GLY A 197 -11.36 14.97 27.75
C GLY A 197 -10.55 15.10 26.48
N GLY A 198 -10.11 16.34 26.22
CA GLY A 198 -9.27 16.64 25.06
C GLY A 198 -7.80 16.52 25.37
N GLN A 199 -7.00 17.33 24.69
CA GLN A 199 -5.58 17.41 24.97
C GLN A 199 -5.29 18.05 26.32
N ASP A 200 -6.31 18.68 26.93
CA ASP A 200 -6.15 19.35 28.22
C ASP A 200 -5.83 18.37 29.35
N VAL A 201 -6.45 17.19 29.34
CA VAL A 201 -6.36 16.22 30.44
C VAL A 201 -5.37 15.12 30.10
N LYS A 202 -4.70 14.60 31.13
CA LYS A 202 -3.76 13.50 30.97
C LYS A 202 -4.44 12.14 31.15
N LYS A 203 -5.26 12.02 32.19
CA LYS A 203 -5.99 10.78 32.49
C LYS A 203 -7.40 10.95 31.96
N LYS A 204 -7.75 10.17 30.95
CA LYS A 204 -8.99 10.35 30.21
C LYS A 204 -10.05 9.29 30.50
N VAL A 205 -9.79 8.36 31.42
CA VAL A 205 -10.74 7.32 31.77
C VAL A 205 -10.79 7.20 33.29
N HIS A 206 -12.00 7.21 33.84
CA HIS A 206 -12.22 7.00 35.26
C HIS A 206 -13.36 6.02 35.42
N LEU A 207 -13.13 4.97 36.22
CA LEU A 207 -14.11 3.92 36.43
C LEU A 207 -14.71 4.03 37.83
N SER A 208 -16.02 3.86 37.92
CA SER A 208 -16.68 3.80 39.21
C SER A 208 -16.34 2.48 39.91
N GLU A 209 -16.59 2.46 41.23
CA GLU A 209 -16.22 1.28 42.01
C GLU A 209 -16.94 0.03 41.51
N LYS A 210 -18.23 0.14 41.22
CA LYS A 210 -18.98 -0.98 40.64
C LYS A 210 -18.84 -0.92 39.13
N ILE A 211 -18.65 -2.09 38.52
CA ILE A 211 -18.34 -2.21 37.10
C ILE A 211 -19.61 -2.55 36.35
N HIS A 212 -19.94 -1.74 35.37
CA HIS A 212 -21.09 -1.99 34.50
C HIS A 212 -20.75 -3.07 33.48
N PRO A 213 -21.67 -4.00 33.21
CA PRO A 213 -21.32 -5.11 32.30
C PRO A 213 -20.70 -4.66 30.99
N PHE A 214 -21.11 -3.51 30.46
CA PHE A 214 -20.51 -3.01 29.23
C PHE A 214 -19.02 -2.80 29.38
N ILE A 215 -18.59 -2.22 30.52
CA ILE A 215 -17.17 -1.99 30.73
C ILE A 215 -16.43 -3.31 30.90
N ARG A 216 -17.00 -4.25 31.68
CA ARG A 216 -16.34 -5.54 31.87
C ARG A 216 -16.16 -6.26 30.54
N LYS A 217 -17.21 -6.28 29.72
CA LYS A 217 -17.16 -6.99 28.44
C LYS A 217 -16.19 -6.32 27.47
N SER A 218 -16.19 -4.98 27.43
CA SER A 218 -15.24 -4.29 26.57
C SER A 218 -13.80 -4.54 27.02
N ILE A 219 -13.56 -4.54 28.34
CA ILE A 219 -12.24 -4.86 28.86
C ILE A 219 -11.84 -6.27 28.44
N ASN A 220 -12.77 -7.21 28.54
CA ASN A 220 -12.47 -8.59 28.16
C ASN A 220 -12.12 -8.69 26.69
N ILE A 221 -12.78 -7.90 25.84
CA ILE A 221 -12.39 -7.84 24.43
C ILE A 221 -10.96 -7.34 24.30
N ILE A 222 -10.61 -6.28 25.04
CA ILE A 222 -9.26 -5.73 24.93
C ILE A 222 -8.21 -6.70 25.46
N LYS A 223 -8.56 -7.46 26.49
CA LYS A 223 -7.64 -8.43 27.07
C LYS A 223 -7.25 -9.52 26.08
N LYS A 224 -7.98 -9.64 24.96
CA LYS A 224 -7.60 -10.58 23.92
C LYS A 224 -6.45 -10.05 23.06
N TYR A 225 -6.36 -8.73 22.88
CA TYR A 225 -5.42 -8.12 21.96
C TYR A 225 -4.30 -7.35 22.64
N PHE A 226 -4.39 -7.12 23.96
CA PHE A 226 -3.52 -6.14 24.59
C PHE A 226 -2.06 -6.57 24.53
N GLU A 227 -1.80 -7.87 24.66
CA GLU A 227 -0.42 -8.35 24.61
C GLU A 227 0.18 -8.05 23.24
N GLU A 228 -0.53 -8.40 22.18
CA GLU A 228 0.00 -8.25 20.83
C GLU A 228 0.14 -6.79 20.44
N TYR A 229 -0.81 -5.95 20.84
CA TYR A 229 -0.82 -4.56 20.38
C TYR A 229 0.05 -3.66 21.25
N ALA A 230 -0.14 -3.71 22.56
CA ALA A 230 0.42 -2.71 23.47
C ALA A 230 1.84 -3.03 23.91
N LEU A 231 2.16 -4.31 24.09
CA LEU A 231 3.43 -4.71 24.66
C LEU A 231 4.45 -5.16 23.63
N VAL A 232 4.04 -5.29 22.36
CA VAL A 232 4.95 -5.76 21.31
C VAL A 232 4.98 -4.79 20.15
N ASN A 233 3.81 -4.51 19.54
CA ASN A 233 3.77 -3.70 18.33
C ASN A 233 3.95 -2.22 18.62
N GLN A 234 3.48 -1.74 19.77
CA GLN A 234 3.66 -0.34 20.15
C GLN A 234 4.71 -0.14 21.22
N ASP A 235 5.03 -1.19 21.99
CA ASP A 235 6.05 -1.12 23.04
C ASP A 235 5.85 0.10 23.92
N ILE A 236 4.63 0.23 24.46
CA ILE A 236 4.27 1.36 25.30
C ILE A 236 5.13 1.46 26.55
N LEU A 237 5.86 0.41 26.90
CA LEU A 237 6.74 0.38 28.06
C LEU A 237 8.19 0.12 27.67
N GLU A 238 8.62 0.65 26.52
CA GLU A 238 9.98 0.37 26.07
C GLU A 238 11.02 0.96 27.02
N ASN A 239 10.92 2.26 27.29
CA ASN A 239 11.90 2.94 28.13
C ASN A 239 11.20 4.15 28.77
N LYS A 240 12.00 5.04 29.35
CA LYS A 240 11.43 6.14 30.15
C LYS A 240 10.60 7.05 29.27
N GLU A 241 11.06 7.29 28.03
CA GLU A 241 10.33 8.18 27.13
C GLU A 241 8.88 7.77 26.98
N SER A 242 8.62 6.47 26.94
CA SER A 242 7.27 5.97 26.74
C SER A 242 6.54 5.72 28.06
N TRP A 243 7.19 5.05 29.02
CA TRP A 243 6.47 4.65 30.23
C TRP A 243 6.16 5.84 31.14
N ASP A 244 6.88 6.95 31.03
CA ASP A 244 6.44 8.11 31.80
C ASP A 244 5.08 8.61 31.33
N LYS A 245 4.73 8.37 30.05
CA LYS A 245 3.39 8.71 29.57
C LYS A 245 2.32 7.88 30.25
N ILE A 246 2.66 6.63 30.63
CA ILE A 246 1.70 5.80 31.33
C ILE A 246 1.65 6.16 32.81
N LEU A 247 2.79 6.51 33.38
CA LEU A 247 2.81 6.95 34.77
C LEU A 247 2.02 8.25 34.95
N ALA A 248 1.90 9.06 33.90
CA ALA A 248 1.17 10.31 34.04
C ALA A 248 -0.29 10.12 34.45
N LEU A 249 -0.87 8.95 34.20
CA LEU A 249 -2.26 8.68 34.54
C LEU A 249 -2.39 7.70 35.70
N VAL A 250 -1.34 7.54 36.50
CA VAL A 250 -1.30 6.59 37.61
C VAL A 250 -0.99 7.41 38.86
N PRO A 251 -1.49 7.03 40.04
CA PRO A 251 -1.17 7.82 41.24
C PRO A 251 0.33 7.97 41.44
N GLU A 252 0.71 9.08 42.09
CA GLU A 252 2.12 9.41 42.25
C GLU A 252 2.74 8.68 43.43
N THR A 253 1.95 8.34 44.45
CA THR A 253 2.51 7.70 45.64
C THR A 253 3.09 6.32 45.33
N ILE A 254 2.85 5.80 44.14
CA ILE A 254 3.41 4.52 43.70
C ILE A 254 4.35 4.68 42.52
N HIS A 255 4.61 5.91 42.08
CA HIS A 255 5.48 6.12 40.92
C HIS A 255 6.87 5.56 41.19
N ASP A 256 7.44 5.90 42.34
CA ASP A 256 8.82 5.49 42.62
C ASP A 256 8.97 3.99 42.48
N GLU A 257 8.12 3.22 43.19
CA GLU A 257 8.22 1.77 43.14
C GLU A 257 8.15 1.24 41.72
N LEU A 258 7.43 1.93 40.84
CA LEU A 258 7.34 1.47 39.46
C LEU A 258 8.61 1.81 38.69
N GLN A 259 9.05 3.07 38.75
CA GLN A 259 10.23 3.46 37.99
C GLN A 259 11.37 2.52 38.32
N GLN A 260 11.59 2.28 39.62
CA GLN A 260 12.60 1.32 40.01
C GLN A 260 12.34 -0.02 39.35
N SER A 261 11.20 -0.64 39.66
CA SER A 261 10.91 -1.96 39.10
C SER A 261 10.91 -1.95 37.58
N PHE A 262 10.70 -0.79 36.94
CA PHE A 262 10.74 -0.76 35.48
C PHE A 262 12.19 -0.84 34.98
N GLN A 263 13.08 -0.02 35.54
CA GLN A 263 14.47 -0.03 35.09
C GLN A 263 15.11 -1.39 35.31
N LYS A 264 14.77 -2.05 36.42
CA LYS A 264 15.32 -3.37 36.71
C LYS A 264 14.72 -4.44 35.81
N SER A 265 13.59 -4.16 35.17
CA SER A 265 12.99 -5.09 34.22
C SER A 265 13.60 -4.87 32.84
N HIS A 266 13.23 -5.73 31.90
CA HIS A 266 13.91 -5.77 30.61
C HIS A 266 13.04 -5.48 29.39
N ASN A 267 11.73 -5.70 29.46
CA ASN A 267 10.85 -5.43 28.32
C ASN A 267 9.45 -5.09 28.83
N SER A 268 8.56 -4.75 27.88
CA SER A 268 7.24 -4.26 28.23
C SER A 268 6.37 -5.32 28.91
N LEU A 269 6.55 -6.59 28.55
CA LEU A 269 5.76 -7.66 29.17
C LEU A 269 5.97 -7.68 30.68
N GLN A 270 7.23 -7.79 31.11
CA GLN A 270 7.52 -7.85 32.54
C GLN A 270 7.09 -6.59 33.26
N ARG A 271 7.30 -5.43 32.63
CA ARG A 271 6.91 -4.16 33.24
C ARG A 271 5.40 -4.05 33.38
N TRP A 272 4.64 -4.61 32.44
CA TRP A 272 3.19 -4.58 32.56
C TRP A 272 2.72 -5.49 33.69
N GLU A 273 3.30 -6.69 33.77
CA GLU A 273 2.96 -7.59 34.86
C GLU A 273 3.22 -6.92 36.21
N HIS A 274 4.35 -6.20 36.30
CA HIS A 274 4.68 -5.46 37.50
C HIS A 274 3.65 -4.37 37.81
N LEU A 275 3.32 -3.55 36.81
CA LEU A 275 2.33 -2.51 37.01
C LEU A 275 1.02 -3.10 37.51
N LYS A 276 0.63 -4.25 36.98
CA LYS A 276 -0.62 -4.87 37.42
C LYS A 276 -0.57 -5.16 38.91
N LYS A 277 0.49 -5.82 39.36
CA LYS A 277 0.55 -6.15 40.79
C LYS A 277 0.56 -4.88 41.64
N VAL A 278 1.33 -3.88 41.22
CA VAL A 278 1.46 -2.65 42.01
C VAL A 278 0.12 -1.93 42.10
N ALA A 279 -0.64 -1.90 41.00
CA ALA A 279 -1.92 -1.21 41.01
C ALA A 279 -2.95 -1.98 41.82
N SER A 280 -2.89 -3.31 41.78
CA SER A 280 -3.81 -4.08 42.59
C SER A 280 -3.44 -4.05 44.06
N ARG A 281 -2.35 -3.36 44.42
CA ARG A 281 -2.06 -3.13 45.83
C ARG A 281 -2.18 -1.67 46.26
N TYR A 282 -2.60 -0.76 45.37
CA TYR A 282 -2.85 0.62 45.75
C TYR A 282 -4.21 0.79 46.41
N GLN A 283 -4.26 1.62 47.45
CA GLN A 283 -5.49 1.85 48.22
C GLN A 283 -6.05 3.23 47.84
N ASN A 284 -7.10 3.21 47.01
CA ASN A 284 -7.77 4.46 46.62
C ASN A 284 -8.50 5.09 47.79
N ASN A 285 -9.18 4.27 48.61
CA ASN A 285 -9.99 4.76 49.73
C ASN A 285 -9.49 4.08 51.00
N ILE A 286 -9.09 4.90 51.99
CA ILE A 286 -8.55 4.35 53.23
C ILE A 286 -9.64 3.82 54.16
N LYS A 287 -10.89 4.24 53.99
CA LYS A 287 -11.97 3.67 54.79
C LYS A 287 -12.00 2.16 54.61
N ASN A 288 -12.31 1.72 53.41
CA ASN A 288 -12.39 0.30 53.10
C ASN A 288 -11.02 -0.22 52.67
N ASP A 289 -10.87 -1.54 52.75
CA ASP A 289 -9.67 -2.23 52.29
C ASP A 289 -9.93 -2.85 50.93
N LYS A 290 -10.67 -2.15 50.08
CA LYS A 290 -10.97 -2.63 48.74
C LYS A 290 -9.81 -2.30 47.81
N TYR A 291 -9.29 -3.32 47.17
CA TYR A 291 -8.28 -3.17 46.14
C TYR A 291 -8.79 -3.85 44.88
N GLY A 292 -8.32 -3.38 43.73
CA GLY A 292 -8.80 -3.88 42.47
C GLY A 292 -7.97 -3.41 41.30
N PRO A 293 -8.38 -3.82 40.11
CA PRO A 293 -7.58 -3.50 38.91
C PRO A 293 -8.05 -2.24 38.21
N TRP A 294 -8.71 -1.33 38.94
CA TRP A 294 -9.24 -0.13 38.32
C TRP A 294 -8.17 0.66 37.55
N LEU A 295 -6.96 0.79 38.10
CA LEU A 295 -5.93 1.51 37.38
C LEU A 295 -5.48 0.74 36.14
N GLU A 296 -5.21 -0.56 36.29
CA GLU A 296 -4.92 -1.41 35.15
C GLU A 296 -5.96 -1.21 34.05
N TRP A 297 -7.23 -1.23 34.45
CA TRP A 297 -8.33 -1.10 33.50
C TRP A 297 -8.39 0.28 32.87
N GLU A 298 -8.15 1.32 33.67
CA GLU A 298 -8.12 2.68 33.14
C GLU A 298 -7.02 2.81 32.09
N ILE A 299 -5.88 2.15 32.31
CA ILE A 299 -4.80 2.20 31.34
C ILE A 299 -5.24 1.54 30.03
N MET A 300 -5.74 0.31 30.12
N MET A 300 -5.73 0.31 30.11
CA MET A 300 -6.10 -0.42 28.91
CA MET A 300 -6.10 -0.42 28.91
C MET A 300 -7.19 0.32 28.14
C MET A 300 -7.19 0.33 28.13
N LEU A 301 -8.16 0.92 28.84
CA LEU A 301 -9.20 1.67 28.17
C LEU A 301 -8.63 2.92 27.51
N GLN A 302 -7.81 3.68 28.23
CA GLN A 302 -7.25 4.90 27.67
C GLN A 302 -6.40 4.63 26.45
N TYR A 303 -5.85 3.43 26.33
CA TYR A 303 -4.99 3.14 25.20
C TYR A 303 -5.66 2.35 24.08
N CYS A 304 -6.81 1.71 24.34
CA CYS A 304 -7.40 0.80 23.35
C CYS A 304 -8.89 0.98 23.10
N PHE A 305 -9.62 1.62 24.01
CA PHE A 305 -11.07 1.71 23.88
C PHE A 305 -11.45 2.66 22.74
N PRO A 306 -12.51 2.37 22.01
CA PRO A 306 -12.85 3.21 20.84
C PRO A 306 -13.16 4.65 21.24
N ARG A 307 -12.55 5.59 20.50
CA ARG A 307 -12.91 7.00 20.57
C ARG A 307 -13.76 7.32 19.34
N LEU A 308 -15.00 7.75 19.55
CA LEU A 308 -15.89 8.06 18.44
C LEU A 308 -15.93 9.57 18.21
N ASP A 309 -15.96 9.95 16.94
CA ASP A 309 -16.29 11.32 16.55
C ASP A 309 -17.75 11.57 16.90
N ILE A 310 -17.97 12.34 17.96
CA ILE A 310 -19.28 12.35 18.62
C ILE A 310 -20.32 13.07 17.76
N ASN A 311 -20.00 14.28 17.32
CA ASN A 311 -20.98 15.09 16.59
C ASN A 311 -21.43 14.44 15.29
N VAL A 312 -20.78 13.36 14.85
CA VAL A 312 -21.24 12.65 13.67
C VAL A 312 -22.54 11.91 13.96
N SER A 313 -22.70 11.42 15.19
CA SER A 313 -23.84 10.58 15.54
C SER A 313 -25.03 11.37 16.05
N LYS A 314 -24.81 12.56 16.61
CA LYS A 314 -25.92 13.32 17.18
C LYS A 314 -26.87 13.83 16.11
N GLY A 315 -26.33 14.40 15.04
CA GLY A 315 -27.17 15.09 14.07
C GLY A 315 -27.97 14.11 13.22
N ILE A 316 -29.27 14.38 13.06
CA ILE A 316 -30.09 13.57 12.18
C ILE A 316 -29.76 13.85 10.73
N ASN A 317 -29.37 15.08 10.41
CA ASN A 317 -29.14 15.52 9.04
C ASN A 317 -27.67 15.53 8.66
N HIS A 318 -26.80 15.00 9.53
CA HIS A 318 -25.38 14.96 9.22
C HIS A 318 -25.13 14.00 8.07
N LEU A 319 -24.25 14.42 7.15
CA LEU A 319 -23.93 13.60 5.99
C LEU A 319 -22.73 12.70 6.29
N LEU A 320 -22.76 11.50 5.71
CA LEU A 320 -21.67 10.55 5.86
C LEU A 320 -21.36 9.91 4.52
N LYS A 321 -20.08 9.65 4.29
CA LYS A 321 -19.63 9.15 3.00
C LYS A 321 -20.32 7.83 2.68
N SER A 322 -20.83 7.72 1.47
CA SER A 322 -21.59 6.54 1.09
C SER A 322 -20.68 5.32 0.99
N PRO A 323 -21.20 4.14 1.32
CA PRO A 323 -20.48 2.91 0.99
C PRO A 323 -20.23 2.82 -0.52
N PHE A 324 -19.08 2.29 -0.89
CA PHE A 324 -18.64 2.12 -2.26
C PHE A 324 -18.34 3.45 -2.93
N SER A 325 -18.41 4.56 -2.20
CA SER A 325 -17.86 5.82 -2.69
C SER A 325 -16.34 5.78 -2.58
N VAL A 326 -15.71 6.62 -3.38
CA VAL A 326 -14.25 6.69 -3.43
C VAL A 326 -13.77 7.76 -2.46
N HIS A 327 -12.63 7.49 -1.82
CA HIS A 327 -11.96 8.49 -1.00
C HIS A 327 -11.01 9.27 -1.91
N PRO A 328 -11.29 10.54 -2.21
CA PRO A 328 -10.50 11.25 -3.24
C PRO A 328 -9.07 11.55 -2.85
N LYS A 329 -8.63 11.22 -1.64
CA LYS A 329 -7.25 11.46 -1.22
C LYS A 329 -6.39 10.20 -1.18
N THR A 330 -6.99 9.02 -1.35
CA THR A 330 -6.23 7.78 -1.44
C THR A 330 -6.61 6.92 -2.64
N GLY A 331 -7.71 7.25 -3.33
CA GLY A 331 -8.22 6.41 -4.39
C GLY A 331 -8.92 5.16 -3.92
N ARG A 332 -8.84 4.83 -2.64
CA ARG A 332 -9.49 3.64 -2.12
C ARG A 332 -11.00 3.78 -2.18
N ILE A 333 -11.67 2.65 -2.34
CA ILE A 333 -13.12 2.58 -2.33
C ILE A 333 -13.57 2.27 -0.91
N SER A 334 -14.61 2.98 -0.46
CA SER A 334 -15.17 2.73 0.86
C SER A 334 -15.90 1.40 0.87
N VAL A 335 -15.19 0.34 1.23
CA VAL A 335 -15.71 -1.02 1.10
C VAL A 335 -16.29 -1.50 2.43
N PRO A 336 -17.34 -2.32 2.42
CA PRO A 336 -17.81 -2.93 3.67
C PRO A 336 -16.77 -3.88 4.26
N ILE A 337 -16.89 -4.08 5.57
CA ILE A 337 -15.97 -4.91 6.33
C ILE A 337 -16.68 -6.21 6.67
N ASP A 338 -16.10 -7.34 6.24
CA ASP A 338 -16.64 -8.66 6.57
C ASP A 338 -16.49 -8.88 8.07
N LEU A 339 -17.62 -8.86 8.79
CA LEU A 339 -17.56 -8.97 10.24
C LEU A 339 -17.01 -10.31 10.68
N GLN A 340 -17.38 -11.39 9.98
CA GLN A 340 -16.89 -12.71 10.33
C GLN A 340 -15.38 -12.85 10.11
N LYS A 341 -14.75 -11.86 9.50
CA LYS A 341 -13.33 -11.87 9.24
C LYS A 341 -12.70 -10.56 9.69
N VAL A 342 -13.25 -9.97 10.77
CA VAL A 342 -12.84 -8.61 11.15
C VAL A 342 -11.36 -8.55 11.47
N ASP A 343 -10.82 -9.59 12.11
CA ASP A 343 -9.40 -9.61 12.44
C ASP A 343 -8.52 -9.70 11.20
N GLN A 344 -9.06 -10.24 10.11
CA GLN A 344 -8.31 -10.46 8.89
C GLN A 344 -8.36 -9.27 7.95
N PHE A 345 -9.13 -8.24 8.29
CA PHE A 345 -9.28 -7.10 7.40
C PHE A 345 -7.97 -6.33 7.29
N ASP A 346 -7.44 -6.24 6.07
CA ASP A 346 -6.23 -5.49 5.77
C ASP A 346 -6.61 -4.23 5.02
N PRO A 347 -6.57 -3.05 5.63
CA PRO A 347 -6.94 -1.83 4.89
C PRO A 347 -6.04 -1.55 3.70
N PHE A 348 -4.90 -2.21 3.58
CA PHE A 348 -3.98 -2.01 2.47
C PHE A 348 -4.28 -2.92 1.28
N THR A 349 -5.16 -3.90 1.45
CA THR A 349 -5.62 -4.71 0.33
C THR A 349 -6.92 -4.18 -0.25
N VAL A 350 -7.43 -3.08 0.30
CA VAL A 350 -8.67 -2.47 -0.21
C VAL A 350 -8.41 -1.95 -1.62
N PRO A 351 -9.19 -2.35 -2.61
CA PRO A 351 -8.91 -1.92 -3.99
C PRO A 351 -9.02 -0.42 -4.14
N THR A 352 -8.12 0.15 -4.96
CA THR A 352 -8.26 1.53 -5.37
C THR A 352 -9.03 1.58 -6.68
N ILE A 353 -9.51 2.77 -7.02
CA ILE A 353 -10.27 2.92 -8.26
C ILE A 353 -9.38 2.67 -9.46
N SER A 354 -8.14 3.18 -9.43
CA SER A 354 -7.17 2.90 -10.49
C SER A 354 -6.95 1.41 -10.65
N PHE A 355 -6.89 0.68 -9.53
CA PHE A 355 -6.53 -0.73 -9.56
C PHE A 355 -7.64 -1.57 -10.17
N ILE A 356 -8.90 -1.34 -9.77
CA ILE A 356 -9.97 -2.15 -10.31
C ILE A 356 -10.26 -1.77 -11.75
N CYS A 357 -10.05 -0.50 -12.11
CA CYS A 357 -10.18 -0.16 -13.54
C CYS A 357 -9.12 -0.85 -14.36
N ARG A 358 -7.93 -1.07 -13.78
CA ARG A 358 -6.91 -1.88 -14.44
C ARG A 358 -7.35 -3.34 -14.54
N GLU A 359 -7.91 -3.89 -13.47
CA GLU A 359 -8.39 -5.27 -13.49
C GLU A 359 -9.45 -5.47 -14.57
N LEU A 360 -10.36 -4.51 -14.72
CA LEU A 360 -11.49 -4.71 -15.63
C LEU A 360 -11.03 -4.84 -17.07
N ASP A 361 -9.97 -4.12 -17.43
CA ASP A 361 -9.43 -4.09 -18.79
C ASP A 361 -8.15 -4.90 -18.78
N ALA A 362 -8.28 -6.23 -18.88
CA ALA A 362 -7.12 -7.10 -18.92
C ALA A 362 -7.44 -8.39 -19.68
N ASP A 385 -18.72 -5.15 -15.86
CA ASP A 385 -19.41 -5.68 -14.68
C ASP A 385 -18.44 -5.78 -13.50
N TYR A 386 -18.96 -5.67 -12.27
CA TYR A 386 -18.09 -5.57 -11.11
C TYR A 386 -17.56 -6.92 -10.62
N LYS A 387 -18.20 -8.04 -10.97
CA LYS A 387 -17.71 -9.33 -10.48
C LYS A 387 -16.46 -9.80 -11.20
N LYS A 388 -15.98 -9.04 -12.19
CA LYS A 388 -14.67 -9.30 -12.79
C LYS A 388 -13.51 -8.78 -11.96
N THR A 389 -13.77 -8.04 -10.88
CA THR A 389 -12.74 -7.29 -10.17
C THR A 389 -12.66 -7.72 -8.71
N SER A 390 -11.69 -7.15 -7.99
CA SER A 390 -11.52 -7.38 -6.56
C SER A 390 -12.58 -6.68 -5.73
N LEU A 391 -13.49 -5.93 -6.36
CA LEU A 391 -14.60 -5.35 -5.64
C LEU A 391 -15.70 -6.37 -5.35
N ALA A 392 -15.62 -7.54 -5.97
CA ALA A 392 -16.70 -8.53 -5.88
C ALA A 392 -16.95 -9.03 -4.46
N PRO A 393 -15.96 -9.53 -3.73
CA PRO A 393 -16.24 -10.01 -2.36
C PRO A 393 -16.85 -8.95 -1.45
N TYR A 394 -16.49 -7.68 -1.67
CA TYR A 394 -17.07 -6.60 -0.88
C TYR A 394 -18.55 -6.41 -1.21
N VAL A 395 -18.90 -6.54 -2.49
CA VAL A 395 -20.32 -6.51 -2.87
C VAL A 395 -21.04 -7.70 -2.26
N LYS A 396 -20.39 -8.85 -2.18
CA LYS A 396 -21.04 -10.00 -1.57
C LYS A 396 -21.34 -9.74 -0.11
N VAL A 397 -20.43 -9.05 0.60
CA VAL A 397 -20.70 -8.65 1.97
C VAL A 397 -21.92 -7.72 2.01
N PHE A 398 -21.93 -6.72 1.12
CA PHE A 398 -23.05 -5.79 1.10
C PHE A 398 -24.38 -6.51 0.84
N GLU A 399 -24.38 -7.48 -0.07
CA GLU A 399 -25.60 -8.20 -0.38
C GLU A 399 -26.05 -9.06 0.79
N HIS A 400 -25.12 -9.67 1.53
CA HIS A 400 -25.51 -10.40 2.73
C HIS A 400 -26.21 -9.47 3.72
N PHE A 401 -25.68 -8.26 3.89
CA PHE A 401 -26.34 -7.26 4.73
C PHE A 401 -27.73 -6.94 4.20
N LEU A 402 -27.87 -6.85 2.88
CA LEU A 402 -29.15 -6.50 2.28
C LEU A 402 -30.17 -7.63 2.41
N GLU A 403 -29.72 -8.88 2.28
CA GLU A 403 -30.63 -10.01 2.40
C GLU A 403 -31.11 -10.17 3.84
N ASN A 404 -30.27 -9.79 4.81
CA ASN A 404 -30.74 -9.77 6.19
C ASN A 404 -31.76 -8.66 6.40
N LEU A 405 -31.60 -7.52 5.72
CA LEU A 405 -32.65 -6.50 5.77
C LEU A 405 -33.94 -7.01 5.14
N ASP A 406 -33.83 -7.80 4.08
CA ASP A 406 -35.04 -8.29 3.39
C ASP A 406 -35.77 -9.32 4.26
N LYS A 407 -35.03 -10.20 4.95
CA LYS A 407 -35.68 -11.23 5.75
C LYS A 407 -36.50 -10.61 6.89
N SER A 408 -35.98 -9.55 7.50
CA SER A 408 -36.67 -8.94 8.63
C SER A 408 -37.94 -8.22 8.23
N ARG A 409 -38.30 -8.23 6.94
CA ARG A 409 -39.53 -7.59 6.48
C ARG A 409 -40.60 -8.63 6.16
N GLU B 5 29.85 -9.21 -20.02
CA GLU B 5 31.16 -8.86 -19.48
C GLU B 5 31.67 -9.97 -18.57
N THR B 6 32.92 -10.40 -18.80
CA THR B 6 33.53 -11.49 -18.05
C THR B 6 34.79 -11.00 -17.36
N PHE B 7 35.22 -11.74 -16.33
CA PHE B 7 36.31 -11.32 -15.47
C PHE B 7 37.15 -12.52 -15.07
N ASP B 8 38.38 -12.25 -14.59
CA ASP B 8 39.29 -13.27 -14.11
C ASP B 8 39.26 -13.32 -12.60
N PRO B 9 38.71 -14.36 -11.98
CA PRO B 9 38.35 -14.27 -10.55
C PRO B 9 39.49 -14.56 -9.59
N THR B 10 40.73 -14.58 -10.04
CA THR B 10 41.85 -14.78 -9.12
C THR B 10 42.23 -13.50 -8.39
N GLU B 11 42.00 -12.34 -9.00
CA GLU B 11 42.29 -11.07 -8.35
C GLU B 11 41.27 -10.74 -7.26
N LEU B 12 40.10 -11.38 -7.28
CA LEU B 12 38.99 -10.93 -6.44
C LEU B 12 39.33 -10.89 -4.96
N PRO B 13 39.94 -11.92 -4.35
CA PRO B 13 40.14 -11.87 -2.89
C PRO B 13 40.98 -10.70 -2.40
N GLU B 14 42.19 -10.53 -2.95
CA GLU B 14 43.06 -9.44 -2.50
C GLU B 14 42.46 -8.07 -2.79
N LEU B 15 41.68 -7.95 -3.87
CA LEU B 15 41.01 -6.69 -4.16
C LEU B 15 39.83 -6.46 -3.20
N LEU B 16 39.11 -7.52 -2.86
CA LEU B 16 37.97 -7.41 -1.96
C LEU B 16 38.41 -7.04 -0.56
N LYS B 17 39.53 -7.58 -0.10
CA LYS B 17 40.03 -7.22 1.22
C LYS B 17 40.23 -5.70 1.30
N LEU B 18 40.92 -5.14 0.31
CA LEU B 18 41.14 -3.70 0.27
C LEU B 18 39.83 -2.94 0.11
N TYR B 19 38.89 -3.50 -0.66
CA TYR B 19 37.63 -2.83 -0.92
C TYR B 19 36.78 -2.72 0.34
N TYR B 20 36.71 -3.80 1.12
CA TYR B 20 35.94 -3.77 2.37
C TYR B 20 36.68 -3.04 3.51
N ARG B 21 37.97 -2.77 3.40
CA ARG B 21 38.64 -2.04 4.45
C ARG B 21 38.66 -0.52 4.21
N ARG B 22 38.73 -0.07 2.94
CA ARG B 22 38.87 1.36 2.72
C ARG B 22 37.89 1.97 1.73
N LEU B 23 36.99 1.20 1.13
CA LEU B 23 36.15 1.74 0.06
C LEU B 23 34.66 1.54 0.29
N PHE B 24 34.25 0.42 0.84
CA PHE B 24 32.83 0.17 1.03
C PHE B 24 32.23 1.22 1.95
N PRO B 25 31.15 1.91 1.55
CA PRO B 25 30.58 2.99 2.38
C PRO B 25 29.77 2.47 3.57
N TYR B 26 30.49 2.08 4.63
CA TYR B 26 29.83 1.46 5.77
C TYR B 26 28.90 2.43 6.48
N SER B 27 29.31 3.68 6.69
CA SER B 27 28.50 4.61 7.45
C SER B 27 27.15 4.84 6.76
N GLN B 28 27.16 5.10 5.46
CA GLN B 28 25.90 5.29 4.73
C GLN B 28 25.10 3.99 4.69
N TYR B 29 25.79 2.86 4.58
CA TYR B 29 25.11 1.56 4.58
C TYR B 29 24.34 1.37 5.87
N TYR B 30 24.97 1.67 7.01
CA TYR B 30 24.29 1.53 8.29
C TYR B 30 23.17 2.55 8.44
N ARG B 31 23.39 3.79 7.97
CA ARG B 31 22.31 4.76 7.96
C ARG B 31 21.08 4.17 7.27
N TRP B 32 21.29 3.61 6.08
CA TRP B 32 20.19 3.05 5.32
C TRP B 32 19.48 2.00 6.16
N LEU B 33 20.17 0.89 6.42
CA LEU B 33 19.45 -0.25 7.02
C LEU B 33 19.11 -0.04 8.49
N ASN B 34 19.58 1.04 9.12
CA ASN B 34 19.12 1.39 10.45
C ASN B 34 17.82 2.18 10.37
N TYR B 35 17.57 2.88 9.27
CA TYR B 35 16.28 3.55 9.06
C TYR B 35 15.96 4.48 10.24
N GLY B 36 16.99 5.16 10.72
CA GLY B 36 16.84 6.13 11.79
C GLY B 36 16.95 5.59 13.19
N GLY B 37 16.92 4.28 13.38
CA GLY B 37 16.97 3.72 14.71
C GLY B 37 15.75 4.02 15.54
N VAL B 38 14.62 4.31 14.91
CA VAL B 38 13.40 4.62 15.65
C VAL B 38 12.63 3.36 16.04
N ILE B 39 12.84 2.26 15.32
CA ILE B 39 12.31 0.95 15.70
C ILE B 39 13.48 0.14 16.25
N LYS B 40 13.28 -0.51 17.39
CA LYS B 40 14.37 -1.26 18.00
C LYS B 40 14.50 -2.62 17.32
N ASN B 41 15.74 -3.11 17.27
CA ASN B 41 16.09 -4.41 16.68
C ASN B 41 15.87 -4.46 15.18
N TYR B 42 15.68 -3.31 14.52
CA TYR B 42 15.40 -3.31 13.09
C TYR B 42 16.64 -3.71 12.30
N PHE B 43 17.79 -3.17 12.66
CA PHE B 43 19.04 -3.59 12.02
C PHE B 43 19.44 -4.98 12.50
N GLN B 44 19.24 -5.27 13.78
CA GLN B 44 19.71 -6.53 14.33
C GLN B 44 18.89 -7.72 13.85
N HIS B 45 17.66 -7.48 13.37
CA HIS B 45 16.78 -8.54 12.88
C HIS B 45 16.76 -8.62 11.36
N ARG B 46 17.72 -8.00 10.69
CA ARG B 46 17.81 -8.04 9.23
C ARG B 46 18.66 -9.24 8.82
N GLU B 47 18.18 -9.99 7.84
CA GLU B 47 18.94 -11.12 7.31
C GLU B 47 19.92 -10.63 6.26
N PHE B 48 21.18 -11.04 6.39
CA PHE B 48 22.19 -10.91 5.36
C PHE B 48 22.59 -12.30 4.87
N SER B 49 22.95 -12.39 3.59
CA SER B 49 23.45 -13.62 3.01
C SER B 49 24.77 -13.31 2.30
N PHE B 50 25.85 -13.91 2.76
CA PHE B 50 27.15 -13.74 2.14
C PHE B 50 27.40 -14.89 1.17
N THR B 51 27.82 -14.54 -0.06
CA THR B 51 28.29 -15.52 -1.02
C THR B 51 29.82 -15.49 -1.00
N LEU B 52 30.41 -16.65 -0.76
CA LEU B 52 31.84 -16.85 -0.61
C LEU B 52 32.44 -17.38 -1.91
N LYS B 53 33.65 -17.94 -1.82
CA LYS B 53 34.30 -18.49 -3.00
C LYS B 53 33.52 -19.68 -3.53
N ASP B 54 33.58 -19.88 -4.86
CA ASP B 54 32.95 -21.00 -5.52
C ASP B 54 31.44 -20.96 -5.43
N ASP B 55 30.86 -19.78 -5.23
CA ASP B 55 29.43 -19.58 -5.10
C ASP B 55 28.84 -20.36 -3.93
N ILE B 56 29.68 -20.71 -2.95
CA ILE B 56 29.20 -21.17 -1.65
C ILE B 56 28.74 -19.97 -0.87
N TYR B 57 27.51 -20.00 -0.36
CA TYR B 57 26.95 -18.87 0.36
C TYR B 57 26.29 -19.32 1.65
N ILE B 58 26.24 -18.39 2.62
CA ILE B 58 25.64 -18.62 3.93
C ILE B 58 24.50 -17.62 4.12
N ARG B 59 23.44 -18.06 4.78
CA ARG B 59 22.26 -17.25 4.98
C ARG B 59 22.03 -17.00 6.47
N TYR B 60 21.07 -16.11 6.74
CA TYR B 60 20.66 -15.83 8.11
C TYR B 60 21.83 -15.32 8.95
N GLN B 61 22.59 -14.40 8.35
CA GLN B 61 23.64 -13.68 9.06
C GLN B 61 23.09 -12.33 9.48
N SER B 62 23.11 -12.06 10.79
CA SER B 62 22.67 -10.77 11.31
C SER B 62 23.77 -10.19 12.20
N PHE B 63 23.62 -8.91 12.53
CA PHE B 63 24.67 -8.16 13.22
C PHE B 63 24.05 -7.18 14.19
N ASN B 64 24.82 -6.82 15.23
CA ASN B 64 24.31 -5.95 16.29
C ASN B 64 24.38 -4.49 15.89
N ASN B 65 25.54 -4.04 15.42
CA ASN B 65 25.75 -2.65 15.07
C ASN B 65 26.64 -2.57 13.83
N GLN B 66 26.93 -1.33 13.42
CA GLN B 66 27.77 -1.12 12.24
C GLN B 66 29.12 -1.79 12.41
N SER B 67 29.75 -1.60 13.58
CA SER B 67 31.07 -2.17 13.79
C SER B 67 31.05 -3.70 13.66
N ASP B 68 29.99 -4.35 14.16
CA ASP B 68 29.88 -5.79 13.99
C ASP B 68 29.87 -6.15 12.50
N LEU B 69 29.15 -5.39 11.70
CA LEU B 69 29.08 -5.63 10.27
C LEU B 69 30.44 -5.42 9.61
N GLU B 70 31.07 -4.27 9.88
CA GLU B 70 32.39 -3.98 9.33
C GLU B 70 33.37 -5.10 9.66
N LYS B 71 33.41 -5.51 10.93
CA LYS B 71 34.40 -6.49 11.35
C LYS B 71 34.19 -7.82 10.64
N GLU B 72 32.98 -8.36 10.71
CA GLU B 72 32.81 -9.70 10.15
C GLU B 72 32.89 -9.66 8.62
N MET B 73 32.56 -8.53 7.99
CA MET B 73 32.76 -8.40 6.55
C MET B 73 34.25 -8.37 6.21
N GLN B 74 35.04 -7.63 6.99
CA GLN B 74 36.48 -7.59 6.77
C GLN B 74 37.13 -8.92 7.09
N LYS B 75 36.45 -9.79 7.84
CA LYS B 75 36.98 -11.11 8.14
C LYS B 75 36.56 -12.16 7.12
N MET B 76 35.37 -12.03 6.52
CA MET B 76 34.90 -12.99 5.53
C MET B 76 35.21 -12.58 4.09
N ASN B 77 35.34 -11.28 3.81
CA ASN B 77 35.55 -10.77 2.46
C ASN B 77 34.57 -11.43 1.50
N PRO B 78 33.28 -11.17 1.65
CA PRO B 78 32.30 -11.88 0.81
C PRO B 78 32.40 -11.45 -0.64
N TYR B 79 32.36 -12.43 -1.55
CA TYR B 79 32.24 -12.13 -2.97
C TYR B 79 30.99 -11.34 -3.24
N LYS B 80 29.87 -11.76 -2.64
CA LYS B 80 28.57 -11.18 -2.92
C LYS B 80 27.82 -11.01 -1.62
N ILE B 81 27.05 -9.92 -1.51
CA ILE B 81 26.27 -9.63 -0.32
C ILE B 81 24.82 -9.46 -0.74
N ASP B 82 23.91 -10.14 -0.04
CA ASP B 82 22.48 -10.09 -0.31
C ASP B 82 21.75 -9.63 0.93
N ILE B 83 20.83 -8.69 0.76
CA ILE B 83 19.97 -8.22 1.83
C ILE B 83 18.68 -9.02 1.83
N GLY B 84 18.25 -9.45 3.02
CA GLY B 84 17.00 -10.15 3.17
C GLY B 84 15.94 -9.33 3.86
N ALA B 85 15.05 -9.99 4.60
CA ALA B 85 13.98 -9.32 5.31
C ALA B 85 14.34 -9.10 6.77
N VAL B 86 13.60 -8.21 7.41
CA VAL B 86 13.65 -8.04 8.86
C VAL B 86 12.70 -9.05 9.49
N TYR B 87 13.23 -9.85 10.40
CA TYR B 87 12.50 -10.99 10.96
C TYR B 87 12.03 -10.71 12.37
N SER B 88 11.24 -11.65 12.90
CA SER B 88 10.73 -11.53 14.26
C SER B 88 11.87 -11.59 15.28
N HIS B 89 12.87 -12.44 15.05
CA HIS B 89 14.00 -12.59 15.93
C HIS B 89 15.28 -12.45 15.12
N ARG B 90 16.42 -12.44 15.82
CA ARG B 90 17.71 -12.33 15.16
C ARG B 90 17.93 -13.52 14.21
N PRO B 91 18.16 -13.27 12.91
CA PRO B 91 18.39 -14.40 12.00
C PRO B 91 19.52 -15.33 12.42
N ASN B 92 20.66 -14.80 12.89
CA ASN B 92 21.73 -15.71 13.28
C ASN B 92 21.45 -16.42 14.61
N GLN B 93 20.20 -16.29 15.11
CA GLN B 93 19.74 -17.04 16.28
C GLN B 93 18.46 -17.80 15.93
N HIS B 94 18.18 -18.00 14.65
CA HIS B 94 16.89 -18.50 14.20
C HIS B 94 16.67 -19.98 14.50
N ASN B 95 17.70 -20.71 14.91
CA ASN B 95 17.52 -22.10 15.28
C ASN B 95 17.08 -22.27 16.73
N THR B 96 17.37 -21.29 17.59
CA THR B 96 16.93 -21.32 18.98
C THR B 96 15.44 -21.01 19.11
N VAL B 97 14.77 -20.65 18.02
CA VAL B 97 13.38 -20.24 18.04
C VAL B 97 12.49 -21.47 17.91
N LYS B 98 11.33 -21.41 18.53
CA LYS B 98 10.36 -22.49 18.43
C LYS B 98 10.02 -22.69 16.96
N LEU B 99 9.83 -23.95 16.57
CA LEU B 99 9.48 -24.24 15.18
C LEU B 99 8.21 -23.48 14.82
N GLY B 100 8.28 -22.70 13.74
CA GLY B 100 7.13 -21.96 13.26
C GLY B 100 7.01 -20.54 13.78
N ALA B 101 7.87 -20.13 14.72
CA ALA B 101 7.77 -18.81 15.33
C ALA B 101 8.75 -17.79 14.75
N PHE B 102 9.72 -18.23 13.95
CA PHE B 102 10.66 -17.32 13.31
C PHE B 102 10.08 -16.92 11.96
N GLN B 103 9.57 -15.70 11.85
CA GLN B 103 8.84 -15.27 10.67
C GLN B 103 9.33 -13.90 10.19
N ALA B 104 9.45 -13.77 8.88
CA ALA B 104 9.76 -12.49 8.26
C ALA B 104 8.62 -11.52 8.47
N GLN B 105 8.95 -10.27 8.79
CA GLN B 105 7.95 -9.26 9.05
C GLN B 105 8.01 -8.08 8.11
N GLU B 106 9.19 -7.56 7.79
CA GLU B 106 9.31 -6.39 6.95
C GLU B 106 10.46 -6.55 5.98
N LYS B 107 10.27 -6.08 4.76
CA LYS B 107 11.32 -5.99 3.76
C LYS B 107 10.89 -4.95 2.74
N GLU B 108 11.88 -4.30 2.14
CA GLU B 108 11.62 -3.31 1.10
C GLU B 108 10.95 -3.97 -0.10
N LEU B 109 10.23 -3.17 -0.88
CA LEU B 109 9.67 -3.65 -2.12
C LEU B 109 10.76 -3.62 -3.19
N VAL B 110 11.08 -4.78 -3.75
CA VAL B 110 12.21 -4.86 -4.66
C VAL B 110 11.73 -5.27 -6.05
N PHE B 111 12.49 -4.86 -7.06
CA PHE B 111 12.24 -5.26 -8.44
C PHE B 111 13.56 -5.58 -9.10
N ASP B 112 13.61 -6.72 -9.79
CA ASP B 112 14.80 -7.16 -10.51
C ASP B 112 14.45 -7.29 -11.99
N ILE B 113 15.17 -6.56 -12.84
CA ILE B 113 14.96 -6.62 -14.28
C ILE B 113 16.26 -7.12 -14.91
N ASP B 114 16.18 -8.26 -15.58
CA ASP B 114 17.29 -8.90 -16.28
C ASP B 114 17.06 -8.79 -17.78
N MET B 115 18.12 -8.44 -18.51
CA MET B 115 18.02 -8.32 -19.96
C MET B 115 17.68 -9.65 -20.62
N THR B 116 17.96 -10.77 -19.94
CA THR B 116 17.69 -12.08 -20.52
C THR B 116 16.23 -12.24 -20.91
N ASP B 117 15.32 -11.58 -20.21
CA ASP B 117 13.90 -11.69 -20.51
C ASP B 117 13.51 -11.02 -21.82
N TYR B 118 14.42 -10.35 -22.50
CA TYR B 118 14.13 -9.69 -23.78
C TYR B 118 14.72 -10.40 -24.97
N ASP B 119 15.24 -11.62 -24.79
CA ASP B 119 15.93 -12.30 -25.88
C ASP B 119 15.06 -12.39 -27.13
N ASP B 120 13.75 -12.53 -26.95
CA ASP B 120 12.84 -12.66 -28.08
C ASP B 120 12.68 -11.37 -28.86
N VAL B 121 12.99 -10.22 -28.27
CA VAL B 121 12.76 -8.93 -28.91
C VAL B 121 14.03 -8.10 -29.06
N ARG B 122 15.19 -8.64 -28.68
CA ARG B 122 16.46 -7.99 -28.96
C ARG B 122 17.22 -8.85 -29.97
N ARG B 123 17.88 -8.19 -30.92
CA ARG B 123 18.59 -8.89 -31.99
C ARG B 123 20.11 -8.74 -31.90
N CYS B 124 20.62 -7.80 -31.11
CA CYS B 124 22.06 -7.60 -31.04
C CYS B 124 22.74 -8.63 -30.14
N CYS B 125 22.20 -8.86 -28.96
CA CYS B 125 22.84 -9.70 -27.95
C CYS B 125 21.92 -10.84 -27.52
N SER B 126 22.44 -11.71 -26.64
CA SER B 126 21.66 -12.78 -26.05
C SER B 126 22.28 -13.18 -24.71
N SER B 127 21.49 -13.88 -23.91
CA SER B 127 21.94 -14.40 -22.60
C SER B 127 22.31 -13.23 -21.70
N ALA B 128 23.43 -13.31 -20.97
CA ALA B 128 23.82 -12.26 -20.03
C ALA B 128 24.55 -11.11 -20.70
N ASP B 129 24.70 -11.13 -22.01
CA ASP B 129 25.41 -10.07 -22.72
C ASP B 129 24.57 -8.80 -22.75
N ILE B 130 25.26 -7.66 -22.81
CA ILE B 130 24.61 -6.37 -22.99
C ILE B 130 25.48 -5.51 -23.88
N CYS B 131 24.85 -4.58 -24.60
CA CYS B 131 25.55 -3.67 -25.47
C CYS B 131 24.80 -2.35 -25.46
N PRO B 132 25.41 -1.27 -25.95
CA PRO B 132 24.71 0.02 -25.96
C PRO B 132 23.39 -0.01 -26.70
N LYS B 133 23.21 -0.93 -27.66
CA LYS B 133 22.00 -0.92 -28.46
C LYS B 133 20.79 -1.38 -27.67
N CYS B 134 20.92 -2.45 -26.90
CA CYS B 134 19.78 -2.97 -26.16
C CYS B 134 19.63 -2.38 -24.77
N TRP B 135 20.64 -1.68 -24.26
CA TRP B 135 20.54 -1.12 -22.91
C TRP B 135 19.40 -0.12 -22.80
N THR B 136 18.96 0.46 -23.93
CA THR B 136 17.85 1.41 -23.88
C THR B 136 16.62 0.77 -23.25
N LEU B 137 16.48 -0.55 -23.38
CA LEU B 137 15.38 -1.25 -22.72
C LEU B 137 15.36 -0.92 -21.24
N MET B 138 16.49 -1.11 -20.55
CA MET B 138 16.53 -0.79 -19.13
C MET B 138 16.16 0.65 -18.88
N THR B 139 16.66 1.57 -19.73
CA THR B 139 16.27 2.96 -19.58
C THR B 139 14.76 3.08 -19.50
N MET B 140 14.07 2.54 -20.53
CA MET B 140 12.61 2.60 -20.54
C MET B 140 12.04 1.88 -19.34
N ALA B 141 12.61 0.72 -19.00
CA ALA B 141 12.15 -0.02 -17.85
C ALA B 141 12.14 0.85 -16.60
N ILE B 142 13.25 1.58 -16.36
CA ILE B 142 13.31 2.43 -15.19
C ILE B 142 12.29 3.56 -15.28
N ARG B 143 12.18 4.19 -16.45
CA ARG B 143 11.28 5.33 -16.57
C ARG B 143 9.83 4.91 -16.39
N ILE B 144 9.40 3.85 -17.07
CA ILE B 144 8.02 3.41 -16.98
C ILE B 144 7.70 3.05 -15.53
N ILE B 145 8.43 2.07 -15.00
CA ILE B 145 8.13 1.56 -13.67
C ILE B 145 8.22 2.66 -12.64
N ASP B 146 9.32 3.42 -12.65
CA ASP B 146 9.49 4.48 -11.67
C ASP B 146 8.30 5.42 -11.70
N ARG B 147 7.82 5.77 -12.90
CA ARG B 147 6.69 6.68 -12.98
C ARG B 147 5.49 6.11 -12.23
N ALA B 148 5.14 4.85 -12.51
CA ALA B 148 4.02 4.23 -11.80
C ALA B 148 4.29 4.20 -10.30
N LEU B 149 5.54 3.91 -9.90
CA LEU B 149 5.85 3.89 -8.46
C LEU B 149 5.66 5.27 -7.85
N LYS B 150 6.01 6.33 -8.59
CA LYS B 150 5.89 7.67 -8.04
C LYS B 150 4.45 8.16 -8.08
N GLU B 151 3.79 8.01 -9.23
CA GLU B 151 2.50 8.62 -9.49
C GLU B 151 1.32 7.67 -9.24
N ASP B 152 1.41 6.43 -9.70
CA ASP B 152 0.29 5.50 -9.54
C ASP B 152 0.21 4.88 -8.16
N PHE B 153 1.32 4.85 -7.42
CA PHE B 153 1.34 4.26 -6.09
C PHE B 153 1.75 5.22 -5.00
N GLY B 154 2.47 6.30 -5.31
CA GLY B 154 2.81 7.28 -4.33
C GLY B 154 4.04 6.96 -3.50
N PHE B 155 4.97 6.20 -4.05
CA PHE B 155 6.20 5.85 -3.35
C PHE B 155 7.23 6.95 -3.58
N LYS B 156 7.75 7.51 -2.49
CA LYS B 156 8.63 8.67 -2.55
C LYS B 156 10.10 8.31 -2.48
N HIS B 157 10.45 7.16 -1.93
CA HIS B 157 11.85 6.78 -1.68
C HIS B 157 12.16 5.54 -2.50
N ARG B 158 12.72 5.76 -3.69
CA ARG B 158 13.04 4.68 -4.62
C ARG B 158 14.51 4.76 -4.98
N LEU B 159 15.22 3.65 -4.79
CA LEU B 159 16.65 3.56 -5.07
C LEU B 159 16.85 2.60 -6.24
N TRP B 160 17.43 3.09 -7.32
CA TRP B 160 17.73 2.27 -8.49
C TRP B 160 19.21 1.93 -8.50
N VAL B 161 19.51 0.66 -8.76
CA VAL B 161 20.86 0.13 -8.60
C VAL B 161 21.19 -0.75 -9.79
N TYR B 162 22.37 -0.57 -10.37
CA TYR B 162 22.84 -1.47 -11.41
C TYR B 162 23.14 -2.84 -10.79
N SER B 163 22.52 -3.88 -11.33
CA SER B 163 22.68 -5.21 -10.77
C SER B 163 24.11 -5.73 -10.89
N GLY B 164 24.97 -5.04 -11.62
CA GLY B 164 26.36 -5.43 -11.77
C GLY B 164 26.67 -6.12 -13.08
N ARG B 165 25.66 -6.57 -13.82
CA ARG B 165 25.91 -7.24 -15.08
C ARG B 165 24.81 -6.98 -16.11
N ARG B 166 23.63 -7.57 -15.92
CA ARG B 166 22.66 -7.68 -17.00
C ARG B 166 21.33 -6.97 -16.70
N GLY B 167 21.30 -6.03 -15.77
CA GLY B 167 20.06 -5.33 -15.53
C GLY B 167 20.12 -4.45 -14.29
N VAL B 168 18.94 -4.11 -13.78
CA VAL B 168 18.85 -3.16 -12.70
C VAL B 168 17.89 -3.66 -11.62
N HIS B 169 17.98 -2.99 -10.46
CA HIS B 169 17.16 -3.28 -9.30
C HIS B 169 16.50 -1.99 -8.84
N CYS B 170 15.36 -2.15 -8.18
CA CYS B 170 14.68 -1.02 -7.55
C CYS B 170 14.33 -1.41 -6.13
N TRP B 171 14.81 -0.63 -5.18
CA TRP B 171 14.46 -0.74 -3.76
C TRP B 171 13.47 0.37 -3.45
N VAL B 172 12.28 0.01 -2.99
CA VAL B 172 11.29 0.96 -2.54
C VAL B 172 11.20 0.83 -1.03
N CYS B 173 11.47 1.94 -0.33
CA CYS B 173 11.80 1.93 1.09
C CYS B 173 10.86 2.82 1.91
N ASP B 174 9.72 3.22 1.36
CA ASP B 174 8.72 3.91 2.18
C ASP B 174 8.31 3.03 3.35
N GLU B 175 8.14 3.65 4.52
CA GLU B 175 7.89 2.89 5.74
C GLU B 175 6.67 1.98 5.57
N SER B 176 5.60 2.50 4.97
CA SER B 176 4.39 1.70 4.82
C SER B 176 4.57 0.60 3.78
N VAL B 177 5.48 0.79 2.82
CA VAL B 177 5.71 -0.22 1.79
C VAL B 177 6.45 -1.42 2.37
N ARG B 178 7.37 -1.18 3.31
CA ARG B 178 8.10 -2.27 3.93
C ARG B 178 7.18 -3.23 4.69
N LYS B 179 5.98 -2.78 5.08
CA LYS B 179 5.06 -3.59 5.85
C LYS B 179 4.09 -4.39 5.00
N LEU B 180 4.08 -4.17 3.68
CA LEU B 180 3.08 -4.80 2.83
C LEU B 180 3.26 -6.32 2.82
N SER B 181 2.13 -7.02 2.82
CA SER B 181 2.12 -8.48 2.75
C SER B 181 2.51 -8.95 1.35
N SER B 182 2.68 -10.27 1.22
CA SER B 182 2.94 -10.85 -0.09
C SER B 182 1.78 -10.60 -1.05
N ALA B 183 0.54 -10.58 -0.54
CA ALA B 183 -0.62 -10.39 -1.39
C ALA B 183 -0.60 -9.04 -2.09
N VAL B 184 -0.36 -7.97 -1.33
CA VAL B 184 -0.34 -6.65 -1.91
C VAL B 184 0.79 -6.53 -2.92
N ARG B 185 1.96 -7.09 -2.60
CA ARG B 185 3.08 -7.05 -3.54
C ARG B 185 2.72 -7.77 -4.83
N SER B 186 2.01 -8.89 -4.74
CA SER B 186 1.51 -9.56 -5.92
C SER B 186 0.62 -8.61 -6.73
N GLY B 187 -0.28 -7.92 -6.05
CA GLY B 187 -1.16 -6.98 -6.74
C GLY B 187 -0.37 -5.89 -7.44
N ILE B 188 0.68 -5.39 -6.78
CA ILE B 188 1.50 -4.34 -7.38
C ILE B 188 2.17 -4.85 -8.65
N VAL B 189 2.68 -6.07 -8.61
CA VAL B 189 3.30 -6.64 -9.80
C VAL B 189 2.26 -6.86 -10.88
N GLU B 190 1.04 -7.24 -10.49
CA GLU B 190 -0.02 -7.45 -11.47
C GLU B 190 -0.38 -6.16 -12.18
N TYR B 191 -0.51 -5.07 -11.43
CA TYR B 191 -0.79 -3.77 -12.03
C TYR B 191 0.30 -3.35 -13.00
N LEU B 192 1.55 -3.74 -12.74
CA LEU B 192 2.70 -3.27 -13.50
C LEU B 192 3.09 -4.22 -14.63
N SER B 193 2.32 -5.26 -14.88
CA SER B 193 2.70 -6.31 -15.83
C SER B 193 1.78 -6.25 -17.05
N LEU B 194 2.39 -6.21 -18.23
CA LEU B 194 1.64 -6.30 -19.48
C LEU B 194 2.09 -7.44 -20.38
N VAL B 195 3.38 -7.80 -20.35
CA VAL B 195 3.91 -8.85 -21.20
C VAL B 195 3.84 -10.14 -20.40
N LYS B 196 2.81 -10.94 -20.65
CA LYS B 196 2.59 -12.18 -19.92
C LYS B 196 2.69 -13.37 -20.87
N GLY B 197 3.05 -14.51 -20.30
CA GLY B 197 3.22 -15.74 -21.04
C GLY B 197 4.69 -16.03 -21.31
N GLY B 198 5.02 -17.31 -21.36
CA GLY B 198 6.38 -17.75 -21.61
C GLY B 198 6.68 -17.87 -23.09
N GLN B 199 7.62 -18.76 -23.42
CA GLN B 199 7.94 -19.00 -24.82
C GLN B 199 6.84 -19.77 -25.55
N ASP B 200 5.92 -20.39 -24.82
CA ASP B 200 4.86 -21.14 -25.47
C ASP B 200 3.97 -20.21 -26.29
N VAL B 201 3.78 -18.98 -25.82
CA VAL B 201 2.89 -18.02 -26.45
C VAL B 201 3.74 -17.08 -27.29
N LYS B 202 3.25 -16.74 -28.48
CA LYS B 202 3.98 -15.84 -29.37
C LYS B 202 3.56 -14.39 -29.20
N LYS B 203 2.27 -14.11 -29.03
CA LYS B 203 1.78 -12.75 -28.79
C LYS B 203 1.54 -12.59 -27.29
N LYS B 204 2.33 -11.72 -26.65
CA LYS B 204 2.36 -11.62 -25.20
C LYS B 204 1.67 -10.38 -24.66
N VAL B 205 1.08 -9.55 -25.51
CA VAL B 205 0.39 -8.34 -25.07
C VAL B 205 -0.93 -8.25 -25.81
N HIS B 206 -2.01 -8.04 -25.06
CA HIS B 206 -3.34 -7.84 -25.61
C HIS B 206 -3.98 -6.67 -24.88
N LEU B 207 -4.50 -5.71 -25.63
CA LEU B 207 -5.11 -4.51 -25.07
C LEU B 207 -6.62 -4.56 -25.21
N SER B 208 -7.32 -4.23 -24.13
CA SER B 208 -8.76 -4.05 -24.17
C SER B 208 -9.09 -2.76 -24.89
N GLU B 209 -10.36 -2.63 -25.30
CA GLU B 209 -10.77 -1.44 -26.05
C GLU B 209 -10.54 -0.17 -25.22
N LYS B 210 -10.84 -0.23 -23.92
CA LYS B 210 -10.61 0.89 -23.02
C LYS B 210 -9.17 0.85 -22.51
N ILE B 211 -8.51 2.01 -22.52
CA ILE B 211 -7.11 2.13 -22.15
C ILE B 211 -7.02 2.69 -20.74
N HIS B 212 -6.33 1.96 -19.87
CA HIS B 212 -6.04 2.45 -18.53
C HIS B 212 -4.90 3.46 -18.58
N PRO B 213 -4.99 4.58 -17.83
CA PRO B 213 -3.95 5.60 -17.93
C PRO B 213 -2.54 5.06 -17.78
N PHE B 214 -2.33 4.01 -16.99
CA PHE B 214 -1.00 3.43 -16.85
C PHE B 214 -0.48 2.98 -18.21
N ILE B 215 -1.35 2.36 -19.01
CA ILE B 215 -0.98 1.90 -20.34
C ILE B 215 -0.63 3.09 -21.23
N ARG B 216 -1.44 4.15 -21.16
CA ARG B 216 -1.17 5.34 -21.97
C ARG B 216 0.17 5.97 -21.62
N LYS B 217 0.44 6.14 -20.33
CA LYS B 217 1.67 6.80 -19.90
C LYS B 217 2.90 5.97 -20.24
N SER B 218 2.82 4.66 -20.05
CA SER B 218 3.92 3.78 -20.43
C SER B 218 4.15 3.84 -21.93
N ILE B 219 3.06 3.85 -22.70
CA ILE B 219 3.17 3.95 -24.16
C ILE B 219 3.87 5.24 -24.57
N ASN B 220 3.51 6.36 -23.94
CA ASN B 220 4.13 7.62 -24.31
C ASN B 220 5.63 7.61 -24.00
N ILE B 221 6.01 7.00 -22.88
CA ILE B 221 7.44 6.86 -22.61
C ILE B 221 8.10 6.07 -23.73
N ILE B 222 7.46 4.99 -24.19
CA ILE B 222 8.06 4.19 -25.25
C ILE B 222 8.09 4.98 -26.56
N LYS B 223 7.08 5.81 -26.81
CA LYS B 223 7.06 6.60 -28.04
C LYS B 223 8.19 7.62 -28.05
N LYS B 224 8.80 7.90 -26.90
CA LYS B 224 9.97 8.78 -26.96
C LYS B 224 11.22 8.07 -27.48
N TYR B 225 11.35 6.76 -27.26
CA TYR B 225 12.57 6.02 -27.60
C TYR B 225 12.43 5.08 -28.78
N PHE B 226 11.20 4.83 -29.25
CA PHE B 226 10.98 3.70 -30.14
C PHE B 226 11.65 3.88 -31.50
N GLU B 227 11.64 5.10 -32.04
CA GLU B 227 12.21 5.29 -33.37
C GLU B 227 13.70 4.98 -33.38
N GLU B 228 14.45 5.60 -32.47
CA GLU B 228 15.90 5.43 -32.46
C GLU B 228 16.28 4.02 -32.01
N TYR B 229 15.50 3.42 -31.09
CA TYR B 229 15.89 2.13 -30.55
C TYR B 229 15.48 0.97 -31.45
N ALA B 230 14.20 0.93 -31.85
CA ALA B 230 13.63 -0.24 -32.49
C ALA B 230 13.81 -0.24 -34.00
N LEU B 231 13.73 0.92 -34.64
CA LEU B 231 13.76 1.01 -36.09
C LEU B 231 15.14 1.39 -36.63
N VAL B 232 16.08 1.74 -35.76
CA VAL B 232 17.42 2.14 -36.16
C VAL B 232 18.48 1.26 -35.50
N ASN B 233 18.46 1.18 -34.18
CA ASN B 233 19.48 0.41 -33.46
C ASN B 233 19.25 -1.08 -33.57
N GLN B 234 17.98 -1.52 -33.63
CA GLN B 234 17.66 -2.93 -33.75
C GLN B 234 17.17 -3.31 -35.14
N ASP B 235 16.67 -2.34 -35.92
CA ASP B 235 16.17 -2.60 -37.27
C ASP B 235 15.26 -3.83 -37.26
N ILE B 236 14.27 -3.81 -36.36
CA ILE B 236 13.35 -4.92 -36.19
C ILE B 236 12.57 -5.23 -37.45
N LEU B 237 12.60 -4.31 -38.43
CA LEU B 237 11.95 -4.51 -39.72
C LEU B 237 12.98 -4.51 -40.84
N GLU B 238 14.20 -4.96 -40.55
CA GLU B 238 15.29 -4.91 -41.52
C GLU B 238 14.99 -5.79 -42.73
N ASN B 239 14.59 -7.03 -42.48
CA ASN B 239 14.37 -8.01 -43.53
C ASN B 239 13.23 -8.92 -43.10
N LYS B 240 12.96 -9.94 -43.92
CA LYS B 240 11.79 -10.78 -43.69
C LYS B 240 11.94 -11.64 -42.43
N GLU B 241 13.12 -12.24 -42.24
CA GLU B 241 13.31 -13.12 -41.09
C GLU B 241 12.93 -12.42 -39.80
N SER B 242 13.14 -11.10 -39.74
CA SER B 242 12.85 -10.34 -38.53
C SER B 242 11.42 -9.83 -38.50
N TRP B 243 10.94 -9.25 -39.59
CA TRP B 243 9.60 -8.65 -39.56
C TRP B 243 8.51 -9.71 -39.47
N ASP B 244 8.80 -10.96 -39.85
CA ASP B 244 7.80 -12.01 -39.66
C ASP B 244 7.50 -12.21 -38.18
N LYS B 245 8.46 -11.92 -37.31
CA LYS B 245 8.19 -11.96 -35.88
C LYS B 245 7.18 -10.90 -35.48
N ILE B 246 7.15 -9.78 -36.21
CA ILE B 246 6.18 -8.73 -35.93
C ILE B 246 4.83 -9.05 -36.55
N LEU B 247 4.84 -9.67 -37.75
CA LEU B 247 3.58 -10.12 -38.33
C LEU B 247 2.95 -11.20 -37.46
N ALA B 248 3.76 -11.94 -36.70
CA ALA B 248 3.22 -12.93 -35.79
C ALA B 248 2.28 -12.31 -34.77
N LEU B 249 2.33 -11.00 -34.59
CA LEU B 249 1.51 -10.30 -33.60
C LEU B 249 0.33 -9.56 -34.24
N VAL B 250 0.00 -9.88 -35.49
CA VAL B 250 -1.05 -9.19 -36.22
C VAL B 250 -2.02 -10.21 -36.80
N PRO B 251 -3.33 -9.89 -36.88
CA PRO B 251 -4.28 -10.82 -37.54
C PRO B 251 -3.87 -11.20 -38.94
N GLU B 252 -4.47 -12.27 -39.48
CA GLU B 252 -4.03 -12.83 -40.74
C GLU B 252 -4.48 -12.01 -41.94
N THR B 253 -5.65 -11.37 -41.88
CA THR B 253 -6.21 -10.65 -43.01
C THR B 253 -5.39 -9.45 -43.44
N ILE B 254 -4.37 -9.07 -42.67
CA ILE B 254 -3.53 -7.92 -42.99
C ILE B 254 -2.12 -8.33 -43.35
N HIS B 255 -1.80 -9.62 -43.32
CA HIS B 255 -0.42 -10.02 -43.56
C HIS B 255 0.02 -9.66 -44.97
N ASP B 256 -0.75 -10.10 -45.97
CA ASP B 256 -0.32 -9.91 -47.35
C ASP B 256 -0.06 -8.44 -47.65
N GLU B 257 -1.07 -7.59 -47.39
CA GLU B 257 -0.94 -6.17 -47.70
C GLU B 257 0.28 -5.56 -47.05
N LEU B 258 0.70 -6.09 -45.89
CA LEU B 258 1.88 -5.53 -45.24
C LEU B 258 3.16 -6.01 -45.91
N GLN B 259 3.30 -7.32 -46.13
CA GLN B 259 4.52 -7.84 -46.73
C GLN B 259 4.81 -7.08 -48.02
N GLN B 260 3.79 -6.92 -48.86
CA GLN B 260 3.95 -6.15 -50.09
C GLN B 260 4.48 -4.76 -49.78
N SER B 261 3.73 -3.98 -48.98
CA SER B 261 4.17 -2.63 -48.65
C SER B 261 5.52 -2.61 -47.96
N PHE B 262 5.92 -3.72 -47.33
CA PHE B 262 7.24 -3.77 -46.70
C PHE B 262 8.33 -3.91 -47.76
N GLN B 263 8.12 -4.82 -48.73
CA GLN B 263 9.11 -5.02 -49.78
C GLN B 263 9.35 -3.74 -50.57
N LYS B 264 8.31 -2.92 -50.74
CA LYS B 264 8.44 -1.70 -51.51
C LYS B 264 9.23 -0.63 -50.77
N SER B 265 9.37 -0.75 -49.46
CA SER B 265 10.08 0.22 -48.66
C SER B 265 11.58 -0.09 -48.59
N HIS B 266 12.32 0.81 -47.97
CA HIS B 266 13.78 0.78 -47.97
C HIS B 266 14.39 0.60 -46.59
N ASN B 267 13.73 1.07 -45.54
CA ASN B 267 14.26 0.98 -44.19
C ASN B 267 13.10 0.88 -43.20
N SER B 268 13.44 0.67 -41.93
CA SER B 268 12.44 0.35 -40.92
C SER B 268 11.49 1.50 -40.67
N LEU B 269 11.94 2.75 -40.82
CA LEU B 269 11.05 3.88 -40.62
C LEU B 269 9.85 3.81 -41.56
N GLN B 270 10.11 3.67 -42.86
CA GLN B 270 9.02 3.64 -43.82
C GLN B 270 8.11 2.44 -43.57
N ARG B 271 8.70 1.30 -43.22
CA ARG B 271 7.91 0.10 -42.97
C ARG B 271 7.04 0.28 -41.73
N TRP B 272 7.53 1.00 -40.74
CA TRP B 272 6.78 1.22 -39.51
C TRP B 272 5.63 2.18 -39.72
N GLU B 273 5.86 3.30 -40.41
CA GLU B 273 4.75 4.19 -40.71
C GLU B 273 3.68 3.48 -41.55
N HIS B 274 4.11 2.60 -42.47
CA HIS B 274 3.14 1.78 -43.19
C HIS B 274 2.32 0.93 -42.22
N LEU B 275 3.02 0.23 -41.32
CA LEU B 275 2.34 -0.58 -40.32
C LEU B 275 1.35 0.25 -39.51
N LYS B 276 1.74 1.48 -39.15
CA LYS B 276 0.86 2.33 -38.37
C LYS B 276 -0.46 2.57 -39.09
N LYS B 277 -0.38 3.05 -40.33
CA LYS B 277 -1.62 3.39 -41.04
C LYS B 277 -2.48 2.14 -41.25
N VAL B 278 -1.86 1.04 -41.68
CA VAL B 278 -2.62 -0.15 -42.01
C VAL B 278 -3.29 -0.72 -40.75
N ALA B 279 -2.60 -0.67 -39.61
CA ALA B 279 -3.19 -1.19 -38.39
C ALA B 279 -4.26 -0.26 -37.86
N SER B 280 -4.08 1.05 -38.02
CA SER B 280 -5.08 1.99 -37.56
C SER B 280 -6.31 2.02 -38.46
N ARG B 281 -6.32 1.27 -39.56
CA ARG B 281 -7.56 1.11 -40.31
C ARG B 281 -8.11 -0.32 -40.31
N TYR B 282 -7.51 -1.25 -39.57
CA TYR B 282 -8.05 -2.59 -39.45
C TYR B 282 -9.20 -2.58 -38.44
N GLN B 283 -10.21 -3.40 -38.72
CA GLN B 283 -11.44 -3.44 -37.92
C GLN B 283 -11.37 -4.65 -36.98
N ASN B 284 -11.09 -4.38 -35.71
CA ASN B 284 -10.99 -5.48 -34.73
C ASN B 284 -12.34 -6.15 -34.54
N ASN B 285 -13.41 -5.37 -34.49
CA ASN B 285 -14.77 -5.87 -34.29
C ASN B 285 -15.64 -5.37 -35.43
N ILE B 286 -16.29 -6.30 -36.13
CA ILE B 286 -17.14 -5.92 -37.25
C ILE B 286 -18.44 -5.29 -36.75
N LYS B 287 -18.79 -5.52 -35.49
CA LYS B 287 -19.97 -4.92 -34.88
C LYS B 287 -19.89 -3.39 -34.93
N ASN B 288 -18.97 -2.81 -34.16
CA ASN B 288 -18.78 -1.36 -34.14
C ASN B 288 -17.74 -0.93 -35.15
N ASP B 289 -17.74 0.37 -35.46
CA ASP B 289 -16.78 0.97 -36.39
C ASP B 289 -15.67 1.71 -35.67
N LYS B 290 -15.21 1.17 -34.54
CA LYS B 290 -14.11 1.77 -33.80
C LYS B 290 -12.78 1.29 -34.38
N TYR B 291 -11.93 2.23 -34.75
CA TYR B 291 -10.57 1.94 -35.19
C TYR B 291 -9.58 2.68 -34.31
N GLY B 292 -8.39 2.08 -34.15
CA GLY B 292 -7.41 2.62 -33.24
C GLY B 292 -6.04 1.99 -33.35
N PRO B 293 -5.11 2.44 -32.49
CA PRO B 293 -3.73 1.98 -32.60
C PRO B 293 -3.41 0.82 -31.68
N TRP B 294 -4.42 0.04 -31.32
CA TRP B 294 -4.23 -1.05 -30.38
C TRP B 294 -3.11 -1.99 -30.83
N LEU B 295 -3.06 -2.31 -32.12
CA LEU B 295 -2.04 -3.23 -32.62
C LEU B 295 -0.65 -2.60 -32.57
N GLU B 296 -0.53 -1.37 -33.07
CA GLU B 296 0.73 -0.62 -32.94
C GLU B 296 1.22 -0.65 -31.49
N TRP B 297 0.32 -0.36 -30.55
CA TRP B 297 0.71 -0.32 -29.15
C TRP B 297 1.08 -1.70 -28.64
N GLU B 298 0.34 -2.72 -29.05
CA GLU B 298 0.66 -4.09 -28.63
C GLU B 298 2.06 -4.47 -29.05
N ILE B 299 2.46 -4.06 -30.26
CA ILE B 299 3.82 -4.34 -30.72
C ILE B 299 4.84 -3.58 -29.87
N MET B 300 4.62 -2.27 -29.68
CA MET B 300 5.58 -1.47 -28.94
C MET B 300 5.74 -2.00 -27.53
N LEU B 301 4.66 -2.47 -26.92
CA LEU B 301 4.76 -3.04 -25.58
C LEU B 301 5.51 -4.37 -25.60
N GLN B 302 5.17 -5.25 -26.55
CA GLN B 302 5.82 -6.55 -26.59
C GLN B 302 7.32 -6.43 -26.81
N TYR B 303 7.75 -5.36 -27.45
CA TYR B 303 9.18 -5.19 -27.75
C TYR B 303 9.91 -4.27 -26.80
N CYS B 304 9.21 -3.44 -26.02
CA CYS B 304 9.86 -2.44 -25.19
C CYS B 304 9.36 -2.35 -23.77
N PHE B 305 8.19 -2.89 -23.45
CA PHE B 305 7.64 -2.70 -22.11
C PHE B 305 8.43 -3.58 -21.12
N PRO B 306 8.62 -3.08 -19.88
CA PRO B 306 9.45 -3.83 -18.92
C PRO B 306 8.87 -5.20 -18.57
N ARG B 307 9.74 -6.21 -18.63
CA ARG B 307 9.48 -7.54 -18.11
C ARG B 307 10.20 -7.68 -16.78
N LEU B 308 9.46 -8.00 -15.73
CA LEU B 308 9.99 -8.07 -14.38
C LEU B 308 10.31 -9.50 -13.98
N ASP B 309 11.42 -9.69 -13.28
CA ASP B 309 11.65 -10.93 -12.56
C ASP B 309 10.62 -10.96 -11.43
N ILE B 310 9.56 -11.75 -11.62
CA ILE B 310 8.34 -11.56 -10.83
C ILE B 310 8.52 -12.07 -9.40
N ASN B 311 9.00 -13.31 -9.25
CA ASN B 311 9.07 -13.92 -7.92
C ASN B 311 9.97 -13.16 -6.97
N VAL B 312 10.74 -12.18 -7.46
CA VAL B 312 11.59 -11.39 -6.57
C VAL B 312 10.73 -10.44 -5.73
N SER B 313 9.64 -9.92 -6.30
CA SER B 313 8.88 -8.87 -5.64
C SER B 313 7.77 -9.41 -4.75
N LYS B 314 7.23 -10.58 -5.08
CA LYS B 314 6.12 -11.13 -4.32
C LYS B 314 6.58 -11.58 -2.93
N GLY B 315 7.70 -12.31 -2.87
CA GLY B 315 8.11 -12.93 -1.63
C GLY B 315 8.63 -11.91 -0.63
N ILE B 316 8.18 -12.04 0.62
CA ILE B 316 8.66 -11.16 1.68
C ILE B 316 10.10 -11.50 2.05
N ASN B 317 10.49 -12.77 1.94
CA ASN B 317 11.80 -13.22 2.39
C ASN B 317 12.81 -13.35 1.25
N HIS B 318 12.48 -12.89 0.05
CA HIS B 318 13.41 -12.99 -1.07
C HIS B 318 14.60 -12.06 -0.87
N LEU B 319 15.79 -12.58 -1.17
CA LEU B 319 17.04 -11.84 -1.05
C LEU B 319 17.40 -11.16 -2.37
N LEU B 320 18.03 -9.99 -2.27
CA LEU B 320 18.46 -9.25 -3.44
C LEU B 320 19.85 -8.67 -3.19
N LYS B 321 20.62 -8.57 -4.28
CA LYS B 321 22.00 -8.11 -4.18
C LYS B 321 22.07 -6.71 -3.58
N SER B 322 22.94 -6.55 -2.59
CA SER B 322 23.05 -5.28 -1.92
C SER B 322 23.67 -4.23 -2.84
N PRO B 323 23.24 -2.98 -2.71
CA PRO B 323 23.99 -1.89 -3.36
C PRO B 323 25.43 -1.86 -2.83
N PHE B 324 26.35 -1.53 -3.73
CA PHE B 324 27.79 -1.45 -3.46
C PHE B 324 28.41 -2.81 -3.18
N SER B 325 27.66 -3.89 -3.29
CA SER B 325 28.28 -5.20 -3.33
C SER B 325 28.93 -5.41 -4.70
N VAL B 326 29.93 -6.27 -4.74
CA VAL B 326 30.67 -6.52 -5.98
C VAL B 326 30.00 -7.68 -6.72
N HIS B 327 29.97 -7.58 -8.05
CA HIS B 327 29.48 -8.68 -8.88
C HIS B 327 30.63 -9.62 -9.16
N PRO B 328 30.64 -10.84 -8.60
CA PRO B 328 31.84 -11.68 -8.67
C PRO B 328 32.13 -12.25 -10.04
N LYS B 329 31.26 -12.03 -11.03
CA LYS B 329 31.48 -12.51 -12.38
C LYS B 329 31.85 -11.40 -13.35
N THR B 330 31.78 -10.14 -12.92
CA THR B 330 32.18 -9.01 -13.75
C THR B 330 33.14 -8.05 -13.05
N GLY B 331 33.31 -8.16 -11.73
CA GLY B 331 34.09 -7.20 -10.99
C GLY B 331 33.43 -5.87 -10.77
N ARG B 332 32.31 -5.60 -11.44
CA ARG B 332 31.61 -4.34 -11.28
C ARG B 332 31.00 -4.22 -9.89
N ILE B 333 30.92 -3.00 -9.40
CA ILE B 333 30.26 -2.70 -8.15
C ILE B 333 28.82 -2.28 -8.44
N SER B 334 27.89 -2.79 -7.64
CA SER B 334 26.48 -2.43 -7.77
C SER B 334 26.27 -0.99 -7.33
N VAL B 335 26.30 -0.07 -8.29
CA VAL B 335 26.25 1.37 -7.99
C VAL B 335 24.82 1.86 -8.12
N PRO B 336 24.40 2.83 -7.32
CA PRO B 336 23.09 3.46 -7.55
C PRO B 336 23.08 4.20 -8.88
N ILE B 337 21.87 4.40 -9.41
CA ILE B 337 21.66 5.05 -10.68
C ILE B 337 21.08 6.43 -10.40
N ASP B 338 21.77 7.46 -10.90
CA ASP B 338 21.26 8.83 -10.80
C ASP B 338 20.00 8.95 -11.65
N LEU B 339 18.84 9.06 -11.00
CA LEU B 339 17.59 9.14 -11.74
C LEU B 339 17.56 10.38 -12.62
N GLN B 340 18.22 11.46 -12.19
CA GLN B 340 18.29 12.69 -12.97
C GLN B 340 19.12 12.54 -14.24
N LYS B 341 19.88 11.44 -14.37
CA LYS B 341 20.72 11.18 -15.54
C LYS B 341 20.52 9.78 -16.07
N VAL B 342 19.29 9.24 -15.98
CA VAL B 342 19.07 7.85 -16.32
C VAL B 342 19.45 7.58 -17.77
N ASP B 343 19.24 8.54 -18.66
CA ASP B 343 19.55 8.34 -20.07
C ASP B 343 21.05 8.16 -20.29
N GLN B 344 21.88 8.73 -19.43
CA GLN B 344 23.32 8.72 -19.62
C GLN B 344 24.02 7.56 -18.91
N PHE B 345 23.30 6.73 -18.16
CA PHE B 345 23.95 5.65 -17.44
C PHE B 345 24.52 4.65 -18.42
N ASP B 346 25.84 4.49 -18.41
CA ASP B 346 26.52 3.55 -19.30
C ASP B 346 27.03 2.38 -18.47
N PRO B 347 26.40 1.20 -18.53
CA PRO B 347 26.91 0.08 -17.74
C PRO B 347 28.31 -0.38 -18.11
N PHE B 348 28.86 0.08 -19.23
CA PHE B 348 30.19 -0.36 -19.63
C PHE B 348 31.31 0.48 -19.02
N THR B 349 31.00 1.66 -18.50
CA THR B 349 31.96 2.50 -17.79
C THR B 349 31.78 2.48 -16.28
N VAL B 350 30.85 1.69 -15.76
CA VAL B 350 30.67 1.63 -14.30
C VAL B 350 31.94 1.08 -13.67
N PRO B 351 32.52 1.74 -12.67
CA PRO B 351 33.84 1.33 -12.18
C PRO B 351 33.85 -0.10 -11.68
N THR B 352 34.95 -0.79 -11.97
CA THR B 352 35.22 -2.12 -11.44
C THR B 352 36.01 -2.01 -10.13
N ILE B 353 36.06 -3.12 -9.40
CA ILE B 353 36.80 -3.14 -8.14
C ILE B 353 38.29 -2.96 -8.40
N SER B 354 38.81 -3.59 -9.44
CA SER B 354 40.22 -3.42 -9.80
C SER B 354 40.55 -1.95 -10.04
N PHE B 355 39.64 -1.23 -10.68
CA PHE B 355 39.91 0.14 -11.12
C PHE B 355 39.97 1.10 -9.93
N ILE B 356 39.00 1.01 -9.03
CA ILE B 356 38.98 1.93 -7.90
C ILE B 356 40.06 1.55 -6.90
N CYS B 357 40.41 0.26 -6.81
CA CYS B 357 41.55 -0.11 -5.97
C CYS B 357 42.85 0.45 -6.52
N ARG B 358 42.98 0.52 -7.86
CA ARG B 358 44.14 1.17 -8.44
C ARG B 358 44.15 2.66 -8.13
N GLU B 359 42.99 3.33 -8.26
CA GLU B 359 42.93 4.75 -7.95
C GLU B 359 43.34 5.01 -6.52
N LEU B 360 42.96 4.12 -5.60
CA LEU B 360 43.15 4.38 -4.17
C LEU B 360 44.63 4.44 -3.78
N ASP B 361 45.49 3.68 -4.46
CA ASP B 361 46.88 3.58 -4.07
C ASP B 361 47.83 4.44 -4.91
N ALA B 362 47.32 5.16 -5.90
CA ALA B 362 48.16 6.04 -6.69
C ALA B 362 48.36 7.37 -5.97
N ASP B 385 39.75 6.14 1.48
CA ASP B 385 38.42 6.74 1.47
C ASP B 385 37.86 6.71 0.04
N TYR B 386 36.53 6.64 -0.08
CA TYR B 386 35.90 6.46 -1.38
C TYR B 386 35.85 7.75 -2.20
N LYS B 387 36.08 8.91 -1.60
CA LYS B 387 36.07 10.16 -2.36
C LYS B 387 37.34 10.38 -3.15
N LYS B 388 38.38 9.58 -2.91
CA LYS B 388 39.61 9.62 -3.70
C LYS B 388 39.45 8.88 -5.03
N THR B 389 38.33 8.20 -5.22
CA THR B 389 38.12 7.29 -6.33
C THR B 389 36.93 7.75 -7.16
N SER B 390 36.70 7.04 -8.26
CA SER B 390 35.56 7.31 -9.13
C SER B 390 34.25 6.82 -8.55
N LEU B 391 34.28 6.21 -7.37
CA LEU B 391 33.07 5.77 -6.68
C LEU B 391 32.34 6.90 -5.97
N ALA B 392 32.93 8.09 -5.91
CA ALA B 392 32.36 9.17 -5.10
C ALA B 392 30.99 9.62 -5.57
N PRO B 393 30.79 9.98 -6.84
CA PRO B 393 29.45 10.45 -7.25
C PRO B 393 28.34 9.44 -6.98
N TYR B 394 28.65 8.15 -7.06
CA TYR B 394 27.64 7.14 -6.78
C TYR B 394 27.25 7.12 -5.30
N VAL B 395 28.25 7.27 -4.42
CA VAL B 395 27.93 7.43 -3.00
C VAL B 395 27.14 8.71 -2.76
N LYS B 396 27.40 9.74 -3.54
CA LYS B 396 26.62 10.98 -3.42
C LYS B 396 25.16 10.74 -3.77
N VAL B 397 24.90 9.91 -4.79
CA VAL B 397 23.53 9.53 -5.10
C VAL B 397 22.89 8.82 -3.89
N PHE B 398 23.63 7.87 -3.32
CA PHE B 398 23.12 7.14 -2.17
C PHE B 398 22.79 8.10 -1.02
N GLU B 399 23.64 9.11 -0.81
CA GLU B 399 23.39 10.06 0.26
C GLU B 399 22.16 10.90 0.00
N HIS B 400 21.92 11.29 -1.26
CA HIS B 400 20.69 12.02 -1.58
C HIS B 400 19.46 11.17 -1.25
N PHE B 401 19.50 9.88 -1.60
CA PHE B 401 18.40 8.98 -1.25
C PHE B 401 18.23 8.89 0.26
N LEU B 402 19.34 8.86 1.00
CA LEU B 402 19.27 8.76 2.46
C LEU B 402 18.77 10.07 3.09
N GLU B 403 19.17 11.19 2.52
CA GLU B 403 18.74 12.48 3.05
C GLU B 403 17.25 12.67 2.87
N ASN B 404 16.69 12.14 1.77
CA ASN B 404 15.24 12.21 1.64
C ASN B 404 14.53 11.22 2.57
N LEU B 405 15.12 10.03 2.79
CA LEU B 405 14.50 9.13 3.77
C LEU B 405 14.47 9.75 5.16
N ASP B 406 15.53 10.46 5.54
CA ASP B 406 15.57 11.06 6.88
C ASP B 406 14.62 12.24 6.98
N LYS B 407 14.53 13.07 5.93
CA LYS B 407 13.70 14.26 6.02
C LYS B 407 12.23 13.91 6.22
N SER B 408 11.76 12.83 5.59
CA SER B 408 10.36 12.42 5.69
C SER B 408 9.97 11.88 7.07
N ARG B 409 10.87 11.90 8.03
CA ARG B 409 10.55 11.41 9.38
C ARG B 409 10.33 12.57 10.36
#